data_8I0C
#
_entry.id   8I0C
#
_cell.length_a   49.209
_cell.length_b   49.921
_cell.length_c   83.843
_cell.angle_alpha   74.54
_cell.angle_beta   74.12
_cell.angle_gamma   61.65
#
_symmetry.space_group_name_H-M   'P 1'
#
loop_
_entity.id
_entity.type
_entity.pdbx_description
1 polymer 'Aldo-keto reductase family 1 member C3'
2 non-polymer 'NADP NICOTINAMIDE-ADENINE-DINUCLEOTIDE PHOSPHATE'
3 non-polymer '1-[4-[3,5-bis(chloranyl)phenyl]-3-fluoranyl-phenyl]cyclopropane-1-carboxylic acid'
4 water water
#
_entity_poly.entity_id   1
_entity_poly.type   'polypeptide(L)'
_entity_poly.pdbx_seq_one_letter_code
;MHHHHHHDSKHQCVKLNDGHFMPVLGFGTYAPPEVPRSKALEVTKLAIEAGFRHIDSAHLYNNEEQVGLAIRSKIADGSV
KREDIFYTSKLWSTFHRPELVRPALENSLKKAQLDYVDLYLIHSPMSLKPGEELSPTDENGKVIFDIVDLCTTWEAMEKC
KDAGLAKSIGVSNFNRRQLEMILNKPGLKYKPVCNQVECHPYFNRSKLLDFCKSKDIVLVAYSALGSQRDKRWVDPNSPV
LLEDPVLCALAKKHKRTPALIALRYQLQRGVVVLAKSYNEQRIRQNVQVFEFQLTAEDMKAIDGLDRNLHYFNSDSFASH
PNYPYSDEY
;
_entity_poly.pdbx_strand_id   A,B
#
loop_
_chem_comp.id
_chem_comp.type
_chem_comp.name
_chem_comp.formula
JTN non-polymer '1-[4-[3,5-bis(chloranyl)phenyl]-3-fluoranyl-phenyl]cyclopropane-1-carboxylic acid' 'C16 H11 Cl2 F O2'
NAP non-polymer 'NADP NICOTINAMIDE-ADENINE-DINUCLEOTIDE PHOSPHATE' 'C21 H28 N7 O17 P3'
#
# COMPACT_ATOMS: atom_id res chain seq x y z
N HIS A 11 -16.86 17.01 -24.06
CA HIS A 11 -16.20 18.18 -24.62
C HIS A 11 -15.78 19.18 -23.53
N GLN A 12 -15.66 18.69 -22.31
CA GLN A 12 -15.41 19.60 -21.20
C GLN A 12 -13.92 19.89 -21.01
N CYS A 13 -13.67 21.06 -20.46
CA CYS A 13 -12.35 21.55 -20.14
C CYS A 13 -12.34 21.85 -18.65
N VAL A 14 -11.17 22.04 -18.09
CA VAL A 14 -11.04 22.42 -16.70
C VAL A 14 -10.22 23.69 -16.68
N LYS A 15 -10.62 24.65 -15.87
CA LYS A 15 -9.88 25.90 -15.85
C LYS A 15 -8.64 25.76 -14.98
N LEU A 16 -7.50 26.16 -15.53
CA LEU A 16 -6.23 26.10 -14.81
C LEU A 16 -6.03 27.36 -14.00
N ASN A 17 -5.10 27.29 -13.05
CA ASN A 17 -4.95 28.37 -12.07
C ASN A 17 -4.27 29.59 -12.66
N ASP A 18 -3.83 29.55 -13.92
CA ASP A 18 -3.37 30.73 -14.64
C ASP A 18 -4.43 31.26 -15.60
N GLY A 19 -5.63 30.68 -15.60
CA GLY A 19 -6.71 31.16 -16.44
C GLY A 19 -6.90 30.42 -17.75
N HIS A 20 -5.95 29.58 -18.15
CA HIS A 20 -6.13 28.82 -19.38
C HIS A 20 -7.02 27.60 -19.12
N PHE A 21 -7.50 26.98 -20.22
CA PHE A 21 -8.37 25.83 -20.14
C PHE A 21 -7.69 24.60 -20.72
N MET A 22 -7.96 23.43 -20.13
CA MET A 22 -7.38 22.18 -20.58
C MET A 22 -8.46 21.15 -20.76
N PRO A 23 -8.53 20.47 -21.90
CA PRO A 23 -9.54 19.43 -22.08
C PRO A 23 -9.30 18.24 -21.17
N VAL A 24 -10.38 17.75 -20.56
CA VAL A 24 -10.24 16.73 -19.54
C VAL A 24 -9.87 15.38 -20.10
N LEU A 25 -9.94 15.18 -21.42
CA LEU A 25 -9.55 13.91 -22.03
C LEU A 25 -8.39 14.14 -22.99
N GLY A 26 -7.32 13.35 -22.82
CA GLY A 26 -6.12 13.55 -23.60
C GLY A 26 -5.63 12.28 -24.27
N PHE A 27 -4.99 12.47 -25.42
CA PHE A 27 -4.44 11.37 -26.21
C PHE A 27 -2.96 11.20 -25.88
N GLY A 28 -2.59 10.00 -25.46
CA GLY A 28 -1.19 9.69 -25.20
C GLY A 28 -0.53 9.19 -26.48
N THR A 29 0.69 9.67 -26.74
CA THR A 29 1.30 9.39 -28.03
C THR A 29 2.49 8.44 -27.96
N TYR A 30 2.87 7.96 -26.78
CA TYR A 30 4.10 7.17 -26.69
C TYR A 30 3.88 5.75 -27.21
N ALA A 31 4.74 5.36 -28.13
CA ALA A 31 4.84 3.97 -28.52
C ALA A 31 6.29 3.53 -28.38
N PRO A 32 6.53 2.27 -28.06
CA PRO A 32 7.92 1.80 -27.93
C PRO A 32 8.66 1.93 -29.27
N PRO A 33 10.00 1.89 -29.26
CA PRO A 33 10.74 2.19 -30.50
C PRO A 33 10.58 1.17 -31.61
N GLU A 34 10.11 -0.04 -31.33
CA GLU A 34 9.89 -0.99 -32.41
C GLU A 34 8.65 -0.63 -33.23
N VAL A 35 7.73 0.14 -32.66
CA VAL A 35 6.62 0.68 -33.44
C VAL A 35 7.15 1.75 -34.39
N PRO A 36 6.97 1.59 -35.70
CA PRO A 36 7.54 2.55 -36.65
C PRO A 36 6.99 3.96 -36.47
N ARG A 37 7.83 4.94 -36.77
CA ARG A 37 7.50 6.34 -36.50
C ARG A 37 6.32 6.82 -37.33
N SER A 38 6.07 6.22 -38.49
CA SER A 38 4.94 6.66 -39.29
C SER A 38 3.62 6.32 -38.63
N LYS A 39 3.60 5.39 -37.68
CA LYS A 39 2.35 5.09 -37.00
C LYS A 39 1.90 6.26 -36.12
N ALA A 40 2.83 6.93 -35.44
CA ALA A 40 2.44 8.07 -34.61
C ALA A 40 1.77 9.14 -35.46
N LEU A 41 2.23 9.33 -36.69
CA LEU A 41 1.58 10.32 -37.55
C LEU A 41 0.14 9.89 -37.88
N GLU A 42 -0.06 8.61 -38.22
CA GLU A 42 -1.37 8.12 -38.61
C GLU A 42 -2.37 8.30 -37.48
N VAL A 43 -1.98 7.81 -36.30
CA VAL A 43 -2.96 7.64 -35.26
C VAL A 43 -3.25 8.97 -34.59
N THR A 44 -2.31 9.91 -34.60
CA THR A 44 -2.65 11.23 -34.13
C THR A 44 -3.72 11.84 -35.02
N LYS A 45 -3.66 11.57 -36.32
CA LYS A 45 -4.74 12.02 -37.20
C LYS A 45 -6.08 11.39 -36.82
N LEU A 46 -6.08 10.07 -36.59
CA LEU A 46 -7.32 9.38 -36.23
C LEU A 46 -7.89 9.91 -34.93
N ALA A 47 -7.02 10.22 -33.95
CA ALA A 47 -7.50 10.70 -32.66
C ALA A 47 -8.19 12.06 -32.78
N ILE A 48 -7.66 12.94 -33.65
CA ILE A 48 -8.28 14.24 -33.86
C ILE A 48 -9.60 14.09 -34.60
N GLU A 49 -9.64 13.22 -35.61
CA GLU A 49 -10.90 12.97 -36.32
C GLU A 49 -11.97 12.46 -35.36
N ALA A 50 -11.56 11.67 -34.38
CA ALA A 50 -12.45 11.08 -33.41
C ALA A 50 -12.93 12.06 -32.35
N GLY A 51 -12.32 13.23 -32.24
CA GLY A 51 -12.71 14.22 -31.24
C GLY A 51 -11.65 14.61 -30.24
N PHE A 52 -10.50 13.95 -30.19
CA PHE A 52 -9.45 14.36 -29.27
C PHE A 52 -8.96 15.77 -29.62
N ARG A 53 -8.83 16.62 -28.61
CA ARG A 53 -8.25 17.94 -28.83
C ARG A 53 -7.06 18.18 -27.91
N HIS A 54 -6.77 17.23 -27.04
CA HIS A 54 -5.70 17.33 -26.06
C HIS A 54 -4.71 16.22 -26.42
N ILE A 55 -3.50 16.61 -26.81
CA ILE A 55 -2.50 15.68 -27.30
C ILE A 55 -1.25 15.79 -26.42
N ASP A 56 -0.84 14.68 -25.83
CA ASP A 56 0.28 14.62 -24.89
C ASP A 56 1.51 14.02 -25.58
N SER A 57 2.57 14.81 -25.75
CA SER A 57 3.82 14.27 -26.25
C SER A 57 4.99 14.70 -25.37
N ALA A 58 6.22 14.38 -25.78
CA ALA A 58 7.41 14.65 -24.98
C ALA A 58 8.65 14.47 -25.85
N HIS A 59 9.70 15.24 -25.54
CA HIS A 59 10.95 15.09 -26.28
C HIS A 59 11.47 13.66 -26.21
N LEU A 60 11.23 12.95 -25.11
CA LEU A 60 11.70 11.58 -24.93
C LEU A 60 11.08 10.62 -25.95
N TYR A 61 9.86 10.91 -26.41
CA TYR A 61 9.07 9.95 -27.16
C TYR A 61 9.55 9.76 -28.58
N ASN A 62 10.40 10.66 -29.08
CA ASN A 62 10.89 10.59 -30.45
C ASN A 62 9.73 10.51 -31.45
N ASN A 63 8.74 11.37 -31.24
CA ASN A 63 7.58 11.37 -32.13
C ASN A 63 7.02 12.77 -32.36
N GLU A 64 7.67 13.84 -31.87
CA GLU A 64 7.03 15.16 -31.91
C GLU A 64 6.93 15.69 -33.34
N GLU A 65 7.88 15.33 -34.19
CA GLU A 65 7.78 15.73 -35.59
C GLU A 65 6.55 15.12 -36.22
N GLN A 66 6.30 13.83 -35.95
CA GLN A 66 5.14 13.14 -36.50
C GLN A 66 3.85 13.70 -35.89
N VAL A 67 3.86 13.96 -34.58
CA VAL A 67 2.70 14.53 -33.93
C VAL A 67 2.43 15.92 -34.47
N GLY A 68 3.47 16.73 -34.65
CA GLY A 68 3.28 18.04 -35.26
C GLY A 68 2.77 17.95 -36.69
N LEU A 69 3.23 16.95 -37.45
CA LEU A 69 2.77 16.85 -38.83
C LEU A 69 1.30 16.45 -38.87
N ALA A 70 0.86 15.63 -37.91
CA ALA A 70 -0.56 15.28 -37.85
C ALA A 70 -1.42 16.52 -37.65
N ILE A 71 -1.06 17.37 -36.68
CA ILE A 71 -1.83 18.58 -36.40
C ILE A 71 -1.85 19.52 -37.59
N ARG A 72 -0.69 19.71 -38.22
CA ARG A 72 -0.61 20.57 -39.38
C ARG A 72 -1.52 20.06 -40.49
N SER A 73 -1.58 18.74 -40.67
CA SER A 73 -2.42 18.16 -41.70
C SER A 73 -3.91 18.34 -41.37
N LYS A 74 -4.32 18.06 -40.13
CA LYS A 74 -5.72 18.27 -39.78
C LYS A 74 -6.09 19.75 -39.78
N ILE A 75 -5.11 20.64 -39.57
CA ILE A 75 -5.39 22.07 -39.68
C ILE A 75 -5.58 22.45 -41.12
N ALA A 76 -4.72 21.93 -42.00
CA ALA A 76 -4.74 22.30 -43.40
C ALA A 76 -5.93 21.72 -44.15
N ASP A 77 -6.51 20.62 -43.68
CA ASP A 77 -7.72 20.11 -44.30
C ASP A 77 -8.99 20.74 -43.74
N GLY A 78 -8.89 21.67 -42.79
CA GLY A 78 -10.05 22.36 -42.26
C GLY A 78 -10.76 21.67 -41.11
N SER A 79 -10.18 20.62 -40.55
CA SER A 79 -10.86 19.89 -39.48
C SER A 79 -10.79 20.64 -38.15
N VAL A 80 -9.66 21.31 -37.87
CA VAL A 80 -9.49 22.10 -36.65
C VAL A 80 -8.70 23.35 -36.98
N LYS A 81 -8.66 24.26 -36.01
CA LYS A 81 -7.76 25.40 -35.99
C LYS A 81 -6.72 25.18 -34.89
N ARG A 82 -5.55 25.82 -35.04
CA ARG A 82 -4.51 25.72 -34.02
C ARG A 82 -5.02 26.04 -32.63
N GLU A 83 -5.93 27.01 -32.51
CA GLU A 83 -6.35 27.40 -31.18
C GLU A 83 -7.31 26.39 -30.54
N ASP A 84 -7.79 25.39 -31.30
CA ASP A 84 -8.63 24.33 -30.75
C ASP A 84 -7.83 23.15 -30.19
N ILE A 85 -6.52 23.09 -30.45
CA ILE A 85 -5.70 21.95 -30.09
C ILE A 85 -4.92 22.31 -28.83
N PHE A 86 -4.95 21.43 -27.85
CA PHE A 86 -4.18 21.60 -26.62
C PHE A 86 -2.98 20.64 -26.70
N TYR A 87 -1.79 21.17 -26.87
CA TYR A 87 -0.61 20.36 -27.17
C TYR A 87 0.41 20.46 -26.07
N THR A 88 0.87 19.30 -25.59
CA THR A 88 1.79 19.19 -24.46
C THR A 88 3.12 18.58 -24.85
N SER A 89 4.21 19.17 -24.36
CA SER A 89 5.53 18.57 -24.43
C SER A 89 6.19 18.66 -23.07
N LYS A 90 7.35 18.03 -22.97
CA LYS A 90 7.99 17.83 -21.68
C LYS A 90 9.47 17.96 -21.85
N LEU A 91 10.10 18.66 -20.91
CA LEU A 91 11.54 18.80 -20.82
C LEU A 91 12.12 17.51 -20.23
N TRP A 92 12.98 16.85 -20.99
CA TRP A 92 13.59 15.63 -20.48
C TRP A 92 14.69 15.94 -19.46
N SER A 93 14.95 14.94 -18.61
CA SER A 93 15.71 15.15 -17.39
C SER A 93 17.18 15.48 -17.63
N THR A 94 17.70 15.25 -18.84
CA THR A 94 19.06 15.71 -19.13
C THR A 94 19.14 17.21 -19.37
N PHE A 95 18.01 17.92 -19.33
CA PHE A 95 18.00 19.35 -19.64
C PHE A 95 17.56 20.18 -18.45
N HIS A 96 17.73 19.65 -17.23
CA HIS A 96 17.26 20.37 -16.04
C HIS A 96 18.10 21.61 -15.71
N ARG A 97 19.36 21.64 -16.12
CA ARG A 97 20.19 22.80 -15.79
C ARG A 97 19.57 24.05 -16.44
N PRO A 98 19.36 25.13 -15.69
CA PRO A 98 18.48 26.20 -16.16
C PRO A 98 18.79 26.74 -17.54
N GLU A 99 20.06 26.83 -17.91
CA GLU A 99 20.39 27.38 -19.21
C GLU A 99 20.00 26.48 -20.37
N LEU A 100 19.61 25.24 -20.12
CA LEU A 100 19.23 24.33 -21.20
C LEU A 100 17.74 24.24 -21.45
N VAL A 101 16.93 25.00 -20.72
CA VAL A 101 15.50 24.75 -20.76
C VAL A 101 14.87 25.45 -21.96
N ARG A 102 15.09 26.75 -22.11
CA ARG A 102 14.57 27.41 -23.30
C ARG A 102 15.08 26.78 -24.59
N PRO A 103 16.36 26.44 -24.74
CA PRO A 103 16.78 25.74 -25.96
C PRO A 103 16.09 24.41 -26.16
N ALA A 104 15.84 23.66 -25.10
CA ALA A 104 15.14 22.39 -25.27
C ALA A 104 13.72 22.63 -25.75
N LEU A 105 13.02 23.60 -25.14
CA LEU A 105 11.68 23.93 -25.60
C LEU A 105 11.71 24.40 -27.04
N GLU A 106 12.61 25.33 -27.36
CA GLU A 106 12.71 25.83 -28.73
C GLU A 106 13.00 24.71 -29.72
N ASN A 107 13.78 23.71 -29.32
CA ASN A 107 14.06 22.60 -30.23
C ASN A 107 12.80 21.75 -30.46
N SER A 108 11.99 21.55 -29.41
CA SER A 108 10.71 20.86 -29.57
C SER A 108 9.78 21.62 -30.51
N LEU A 109 9.75 22.95 -30.38
CA LEU A 109 8.88 23.75 -31.24
C LEU A 109 9.28 23.60 -32.70
N LYS A 110 10.58 23.45 -32.95
CA LYS A 110 11.08 23.30 -34.31
C LYS A 110 10.78 21.90 -34.86
N LYS A 111 10.92 20.87 -34.04
CA LYS A 111 10.59 19.54 -34.53
C LYS A 111 9.11 19.43 -34.87
N ALA A 112 8.25 19.91 -33.97
CA ALA A 112 6.81 19.85 -34.20
C ALA A 112 6.33 20.92 -35.15
N GLN A 113 7.16 21.93 -35.42
CA GLN A 113 6.77 23.09 -36.23
C GLN A 113 5.50 23.74 -35.68
N LEU A 114 5.63 24.24 -34.45
CA LEU A 114 4.62 25.02 -33.76
C LEU A 114 5.24 26.30 -33.21
N ASP A 115 4.39 27.32 -33.03
CA ASP A 115 4.86 28.59 -32.48
C ASP A 115 4.95 28.58 -30.96
N TYR A 116 4.16 27.73 -30.29
CA TYR A 116 4.08 27.67 -28.84
C TYR A 116 3.59 26.28 -28.48
N VAL A 117 3.80 25.91 -27.22
CA VAL A 117 3.10 24.75 -26.70
C VAL A 117 1.99 25.26 -25.79
N ASP A 118 0.89 24.51 -25.75
CA ASP A 118 -0.18 24.83 -24.82
C ASP A 118 0.27 24.50 -23.40
N LEU A 119 1.19 23.56 -23.24
CA LEU A 119 1.62 23.21 -21.91
C LEU A 119 3.00 22.60 -22.02
N TYR A 120 3.88 23.01 -21.10
CA TYR A 120 5.23 22.46 -21.01
C TYR A 120 5.45 21.95 -19.59
N LEU A 121 5.99 20.73 -19.48
CA LEU A 121 6.13 20.04 -18.21
C LEU A 121 7.58 19.68 -17.92
N ILE A 122 7.91 19.65 -16.64
CA ILE A 122 9.09 18.92 -16.22
C ILE A 122 8.75 17.44 -16.18
N HIS A 123 9.42 16.65 -17.03
CA HIS A 123 9.01 15.25 -17.23
C HIS A 123 9.12 14.42 -15.97
N SER A 124 10.10 14.69 -15.12
CA SER A 124 10.50 13.88 -13.99
C SER A 124 11.45 14.68 -13.11
N PRO A 125 11.40 14.53 -11.78
CA PRO A 125 12.31 15.30 -10.94
C PRO A 125 13.68 14.67 -10.79
N MET A 126 13.91 13.52 -11.41
CA MET A 126 15.18 12.79 -11.28
C MET A 126 16.11 13.32 -12.36
N SER A 127 16.84 14.39 -12.03
CA SER A 127 17.77 15.00 -12.96
C SER A 127 18.81 13.99 -13.43
N LEU A 128 19.27 14.16 -14.66
CA LEU A 128 20.22 13.22 -15.22
C LEU A 128 21.37 13.98 -15.86
N LYS A 129 22.47 13.25 -16.06
CA LYS A 129 23.71 13.84 -16.57
C LYS A 129 23.45 14.58 -17.88
N PRO A 130 23.76 15.87 -17.96
CA PRO A 130 23.49 16.63 -19.19
C PRO A 130 24.34 16.17 -20.35
N GLY A 131 23.81 16.37 -21.55
CA GLY A 131 24.43 15.90 -22.76
C GLY A 131 23.37 15.45 -23.75
N GLU A 132 23.81 14.75 -24.78
CA GLU A 132 22.95 14.41 -25.91
C GLU A 132 22.19 13.11 -25.71
N GLU A 133 22.77 12.13 -25.03
CA GLU A 133 22.07 10.87 -24.79
C GLU A 133 20.85 11.09 -23.92
N LEU A 134 19.73 10.47 -24.30
CA LEU A 134 18.55 10.53 -23.45
C LEU A 134 18.76 9.77 -22.15
N SER A 135 19.48 8.65 -22.23
CA SER A 135 19.69 7.77 -21.09
C SER A 135 21.19 7.52 -20.88
N PRO A 136 21.92 8.53 -20.43
CA PRO A 136 23.38 8.38 -20.27
C PRO A 136 23.72 7.35 -19.20
N THR A 137 24.68 6.48 -19.53
CA THR A 137 25.00 5.31 -18.72
C THR A 137 26.50 5.15 -18.61
N ASP A 138 26.96 4.71 -17.44
CA ASP A 138 28.39 4.60 -17.16
C ASP A 138 28.96 3.30 -17.72
N GLU A 139 30.22 3.01 -17.40
CA GLU A 139 30.92 1.80 -17.82
C GLU A 139 30.32 0.53 -17.22
N ASN A 140 29.48 0.64 -16.19
CA ASN A 140 28.86 -0.49 -15.52
C ASN A 140 27.34 -0.45 -15.66
N GLY A 141 26.84 0.14 -16.74
CA GLY A 141 25.43 0.00 -17.04
C GLY A 141 24.48 0.78 -16.15
N LYS A 142 24.99 1.66 -15.30
CA LYS A 142 24.11 2.42 -14.42
C LYS A 142 23.77 3.75 -15.07
N VAL A 143 22.54 4.19 -14.90
CA VAL A 143 22.17 5.52 -15.39
C VAL A 143 22.84 6.56 -14.49
N ILE A 144 23.31 7.64 -15.09
CA ILE A 144 24.19 8.61 -14.43
C ILE A 144 23.35 9.78 -13.96
N PHE A 145 23.23 9.92 -12.64
CA PHE A 145 22.45 11.01 -12.05
C PHE A 145 23.19 12.35 -12.17
N ASP A 146 22.44 13.44 -11.96
CA ASP A 146 22.99 14.78 -11.86
C ASP A 146 22.19 15.51 -10.81
N ILE A 147 22.85 16.41 -10.09
CA ILE A 147 22.22 17.15 -9.00
C ILE A 147 21.87 18.53 -9.54
N VAL A 148 20.59 18.89 -9.51
CA VAL A 148 20.11 20.19 -9.98
C VAL A 148 19.03 20.70 -9.04
N ASP A 149 19.16 21.98 -8.66
CA ASP A 149 18.13 22.64 -7.87
C ASP A 149 16.90 22.85 -8.75
N LEU A 150 15.84 22.08 -8.50
CA LEU A 150 14.68 22.17 -9.38
C LEU A 150 13.99 23.52 -9.30
N CYS A 151 14.23 24.30 -8.24
CA CYS A 151 13.68 25.65 -8.20
C CYS A 151 14.30 26.54 -9.25
N THR A 152 15.56 26.29 -9.62
CA THR A 152 16.15 27.05 -10.71
C THR A 152 15.62 26.57 -12.06
N THR A 153 15.40 25.27 -12.19
CA THR A 153 14.73 24.78 -13.38
C THR A 153 13.37 25.46 -13.54
N TRP A 154 12.58 25.46 -12.46
CA TRP A 154 11.26 26.09 -12.50
C TRP A 154 11.36 27.56 -12.89
N GLU A 155 12.36 28.28 -12.38
CA GLU A 155 12.50 29.69 -12.73
C GLU A 155 12.66 29.83 -14.24
N ALA A 156 13.48 28.98 -14.83
CA ALA A 156 13.65 28.98 -16.28
C ALA A 156 12.35 28.59 -16.98
N MET A 157 11.59 27.64 -16.41
CA MET A 157 10.26 27.37 -16.96
C MET A 157 9.45 28.66 -17.01
N GLU A 158 9.44 29.42 -15.92
CA GLU A 158 8.61 30.62 -15.85
C GLU A 158 9.03 31.66 -16.89
N LYS A 159 10.33 31.73 -17.20
CA LYS A 159 10.76 32.59 -18.29
C LYS A 159 10.14 32.12 -19.60
N CYS A 160 9.90 30.81 -19.75
CA CYS A 160 9.37 30.29 -21.01
C CYS A 160 7.91 30.69 -21.20
N LYS A 161 7.15 30.72 -20.12
CA LYS A 161 5.78 31.22 -20.21
C LYS A 161 5.78 32.71 -20.52
N ASP A 162 6.65 33.47 -19.86
CA ASP A 162 6.72 34.90 -20.10
C ASP A 162 7.01 35.21 -21.55
N ALA A 163 7.94 34.48 -22.16
CA ALA A 163 8.22 34.70 -23.57
C ALA A 163 7.11 34.16 -24.47
N GLY A 164 6.04 33.63 -23.90
CA GLY A 164 4.92 33.14 -24.68
C GLY A 164 5.17 31.89 -25.45
N LEU A 165 6.26 31.18 -25.20
CA LEU A 165 6.50 29.91 -25.90
C LEU A 165 5.76 28.75 -25.24
N ALA A 166 5.31 28.91 -24.00
CA ALA A 166 4.49 27.92 -23.33
C ALA A 166 3.35 28.68 -22.69
N LYS A 167 2.12 28.39 -23.10
CA LYS A 167 1.01 29.11 -22.50
C LYS A 167 0.80 28.70 -21.05
N SER A 168 1.17 27.47 -20.71
CA SER A 168 1.09 27.02 -19.32
C SER A 168 2.27 26.12 -19.04
N ILE A 169 2.68 26.11 -17.77
CA ILE A 169 3.77 25.29 -17.32
C ILE A 169 3.31 24.46 -16.13
N GLY A 170 3.83 23.23 -16.03
CA GLY A 170 3.49 22.35 -14.95
C GLY A 170 4.59 21.32 -14.75
N VAL A 171 4.30 20.32 -13.92
CA VAL A 171 5.27 19.28 -13.63
C VAL A 171 4.61 17.93 -13.80
N SER A 172 5.41 16.88 -13.59
CA SER A 172 5.04 15.50 -13.82
C SER A 172 5.93 14.64 -12.92
N ASN A 173 5.34 13.59 -12.35
CA ASN A 173 6.02 12.65 -11.46
C ASN A 173 6.52 13.29 -10.15
N PHE A 174 6.00 14.45 -9.77
CA PHE A 174 6.38 15.02 -8.49
C PHE A 174 5.54 14.41 -7.39
N ASN A 175 6.13 14.25 -6.20
CA ASN A 175 5.38 13.93 -4.99
C ASN A 175 5.11 15.22 -4.22
N ARG A 176 4.43 15.07 -3.07
CA ARG A 176 4.05 16.25 -2.28
C ARG A 176 5.26 17.09 -1.91
N ARG A 177 6.32 16.45 -1.40
CA ARG A 177 7.48 17.19 -0.91
C ARG A 177 8.11 18.01 -2.04
N GLN A 178 8.12 17.46 -3.26
CA GLN A 178 8.68 18.19 -4.39
C GLN A 178 7.75 19.32 -4.86
N LEU A 179 6.43 19.12 -4.80
CA LEU A 179 5.52 20.20 -5.16
C LEU A 179 5.67 21.37 -4.18
N GLU A 180 5.59 21.09 -2.87
CA GLU A 180 5.74 22.14 -1.85
C GLU A 180 7.01 22.93 -2.07
N MET A 181 8.08 22.25 -2.47
CA MET A 181 9.34 22.93 -2.75
C MET A 181 9.15 24.02 -3.82
N ILE A 182 8.46 23.70 -4.91
CA ILE A 182 8.15 24.76 -5.88
C ILE A 182 7.19 25.75 -5.26
N LEU A 183 6.20 25.25 -4.53
CA LEU A 183 5.16 26.13 -4.00
C LEU A 183 5.71 27.12 -2.98
N ASN A 184 6.69 26.71 -2.17
CA ASN A 184 7.23 27.58 -1.12
C ASN A 184 8.43 28.37 -1.60
N LYS A 185 8.60 28.52 -2.91
CA LYS A 185 9.78 29.16 -3.47
C LYS A 185 9.73 30.67 -3.27
N PRO A 186 10.72 31.29 -2.63
CA PRO A 186 10.73 32.76 -2.54
C PRO A 186 10.65 33.39 -3.93
N GLY A 187 9.76 34.37 -4.06
CA GLY A 187 9.62 35.04 -5.34
C GLY A 187 8.94 34.23 -6.42
N LEU A 188 8.19 33.20 -6.05
CA LEU A 188 7.51 32.37 -7.03
C LEU A 188 6.51 33.21 -7.81
N LYS A 189 6.64 33.21 -9.13
CA LYS A 189 5.74 33.93 -10.01
C LYS A 189 4.52 33.09 -10.43
N TYR A 190 4.76 31.87 -10.95
CA TYR A 190 3.66 31.02 -11.42
C TYR A 190 3.70 29.67 -10.70
N LYS A 191 2.59 29.34 -10.04
CA LYS A 191 2.39 27.98 -9.57
C LYS A 191 2.33 27.03 -10.77
N PRO A 192 2.67 25.76 -10.57
CA PRO A 192 2.38 24.77 -11.62
C PRO A 192 0.88 24.59 -11.79
N VAL A 193 0.43 24.55 -13.05
CA VAL A 193 -0.97 24.30 -13.30
C VAL A 193 -1.34 22.85 -13.03
N CYS A 194 -0.38 21.93 -13.07
CA CYS A 194 -0.73 20.51 -13.04
C CYS A 194 0.48 19.67 -12.65
N ASN A 195 0.19 18.41 -12.32
CA ASN A 195 1.18 17.40 -11.98
C ASN A 195 0.76 16.08 -12.63
N GLN A 196 1.51 15.63 -13.63
CA GLN A 196 1.15 14.44 -14.38
C GLN A 196 1.83 13.22 -13.76
N VAL A 197 1.02 12.29 -13.26
CA VAL A 197 1.49 11.18 -12.43
C VAL A 197 0.78 9.90 -12.87
N GLU A 198 1.39 8.76 -12.53
CA GLU A 198 0.75 7.47 -12.78
C GLU A 198 -0.47 7.31 -11.89
N CYS A 199 -1.65 7.13 -12.48
CA CYS A 199 -2.88 7.12 -11.71
C CYS A 199 -3.88 6.18 -12.39
N HIS A 200 -4.31 5.14 -11.66
CA HIS A 200 -5.27 4.16 -12.12
C HIS A 200 -5.90 3.48 -10.90
N PRO A 201 -6.94 2.67 -11.06
CA PRO A 201 -7.60 2.05 -9.89
C PRO A 201 -6.67 1.23 -9.01
N TYR A 202 -5.53 0.78 -9.48
CA TYR A 202 -4.62 0.04 -8.62
C TYR A 202 -3.60 0.95 -7.93
N PHE A 203 -3.69 2.27 -8.16
CA PHE A 203 -2.78 3.28 -7.64
C PHE A 203 -3.46 4.65 -7.78
N ASN A 204 -4.49 4.92 -6.96
CA ASN A 204 -5.41 6.00 -7.25
C ASN A 204 -4.94 7.38 -6.75
N ARG A 205 -3.84 7.45 -6.00
CA ARG A 205 -3.19 8.70 -5.61
C ARG A 205 -4.15 9.66 -4.88
N SER A 206 -5.05 9.09 -4.06
CA SER A 206 -6.08 9.91 -3.41
C SER A 206 -5.45 10.97 -2.50
N LYS A 207 -4.40 10.61 -1.77
CA LYS A 207 -3.71 11.57 -0.91
C LYS A 207 -3.09 12.71 -1.72
N LEU A 208 -2.35 12.38 -2.77
CA LEU A 208 -1.79 13.41 -3.64
C LEU A 208 -2.90 14.21 -4.30
N LEU A 209 -3.95 13.54 -4.79
CA LEU A 209 -5.05 14.26 -5.40
C LEU A 209 -5.65 15.28 -4.42
N ASP A 210 -5.92 14.86 -3.19
CA ASP A 210 -6.43 15.80 -2.19
C ASP A 210 -5.47 16.98 -1.99
N PHE A 211 -4.16 16.70 -1.98
CA PHE A 211 -3.20 17.78 -1.81
C PHE A 211 -3.25 18.75 -2.99
N CYS A 212 -3.20 18.23 -4.21
CA CYS A 212 -3.24 19.10 -5.39
C CYS A 212 -4.54 19.89 -5.46
N LYS A 213 -5.66 19.30 -5.03
CA LYS A 213 -6.90 20.03 -5.04
C LYS A 213 -6.85 21.21 -4.10
N SER A 214 -6.21 21.05 -2.94
CA SER A 214 -6.15 22.16 -2.00
C SER A 214 -5.28 23.30 -2.50
N LYS A 215 -4.43 23.05 -3.49
CA LYS A 215 -3.53 24.07 -4.04
C LYS A 215 -3.94 24.54 -5.41
N ASP A 216 -5.11 24.12 -5.90
CA ASP A 216 -5.60 24.47 -7.25
C ASP A 216 -4.64 23.98 -8.35
N ILE A 217 -4.20 22.74 -8.20
CA ILE A 217 -3.27 22.09 -9.14
C ILE A 217 -3.97 20.84 -9.69
N VAL A 218 -4.07 20.75 -11.00
CA VAL A 218 -4.80 19.63 -11.59
C VAL A 218 -3.90 18.41 -11.60
N LEU A 219 -4.42 17.28 -11.14
CA LEU A 219 -3.75 15.99 -11.31
C LEU A 219 -4.16 15.41 -12.66
N VAL A 220 -3.17 15.01 -13.45
CA VAL A 220 -3.36 14.41 -14.76
C VAL A 220 -2.87 12.97 -14.70
N ALA A 221 -3.71 12.03 -15.13
CA ALA A 221 -3.43 10.60 -14.98
C ALA A 221 -2.78 10.03 -16.23
N TYR A 222 -1.68 9.29 -16.05
CA TYR A 222 -1.18 8.45 -17.13
C TYR A 222 -1.20 6.98 -16.69
N SER A 223 -1.07 6.08 -17.67
CA SER A 223 -1.28 4.65 -17.45
C SER A 223 -2.63 4.44 -16.78
N ALA A 224 -3.60 5.26 -17.19
CA ALA A 224 -4.95 5.16 -16.68
C ALA A 224 -5.61 3.85 -17.08
N LEU A 225 -5.12 3.22 -18.15
CA LEU A 225 -5.63 1.92 -18.57
C LEU A 225 -4.71 0.79 -18.16
N GLY A 226 -3.82 1.01 -17.20
CA GLY A 226 -2.91 -0.03 -16.75
C GLY A 226 -1.60 -0.12 -17.48
N SER A 227 -1.23 0.89 -18.28
CA SER A 227 0.07 0.95 -18.96
C SER A 227 0.20 -0.06 -20.07
N GLN A 228 1.25 0.09 -20.87
CA GLN A 228 1.48 -0.76 -22.02
C GLN A 228 2.15 -2.07 -21.66
N ARG A 229 2.47 -2.28 -20.37
CA ARG A 229 3.12 -3.51 -19.89
C ARG A 229 4.40 -3.84 -20.68
N ASP A 230 5.14 -2.80 -21.00
CA ASP A 230 6.41 -2.94 -21.70
C ASP A 230 7.37 -3.82 -20.90
N LYS A 231 8.00 -4.76 -21.59
CA LYS A 231 8.81 -5.75 -20.91
C LYS A 231 10.10 -5.18 -20.35
N ARG A 232 10.52 -4.00 -20.82
CA ARG A 232 11.72 -3.38 -20.24
C ARG A 232 11.47 -2.89 -18.81
N TRP A 233 10.22 -2.57 -18.46
CA TRP A 233 9.92 -1.89 -17.21
C TRP A 233 8.92 -2.62 -16.32
N VAL A 234 7.98 -3.36 -16.89
CA VAL A 234 6.83 -3.90 -16.15
C VAL A 234 7.06 -5.37 -15.79
N ASP A 235 6.84 -5.71 -14.53
CA ASP A 235 6.94 -7.08 -14.09
C ASP A 235 5.86 -7.90 -14.78
N PRO A 236 6.21 -8.97 -15.51
CA PRO A 236 5.19 -9.79 -16.17
C PRO A 236 4.15 -10.36 -15.23
N ASN A 237 4.50 -10.60 -13.96
CA ASN A 237 3.59 -11.19 -12.99
C ASN A 237 2.63 -10.16 -12.40
N SER A 238 2.81 -8.87 -12.70
CA SER A 238 1.92 -7.87 -12.16
C SER A 238 0.50 -8.08 -12.70
N PRO A 239 -0.53 -7.74 -11.91
CA PRO A 239 -1.92 -7.89 -12.38
C PRO A 239 -2.24 -6.99 -13.57
N VAL A 240 -3.09 -7.51 -14.45
CA VAL A 240 -3.57 -6.78 -15.63
C VAL A 240 -4.80 -5.95 -15.24
N LEU A 241 -4.65 -4.62 -15.27
CA LEU A 241 -5.72 -3.73 -14.84
C LEU A 241 -7.06 -4.07 -15.50
N LEU A 242 -7.05 -4.29 -16.83
CA LEU A 242 -8.30 -4.40 -17.57
C LEU A 242 -8.96 -5.76 -17.47
N GLU A 243 -8.30 -6.75 -16.86
CA GLU A 243 -8.95 -8.01 -16.56
C GLU A 243 -9.51 -8.06 -15.15
N ASP A 244 -9.62 -6.90 -14.50
CA ASP A 244 -9.99 -6.88 -13.09
C ASP A 244 -11.48 -7.20 -12.95
N PRO A 245 -11.84 -8.15 -12.08
CA PRO A 245 -13.24 -8.62 -12.06
C PRO A 245 -14.25 -7.55 -11.67
N VAL A 246 -13.84 -6.56 -10.86
CA VAL A 246 -14.74 -5.48 -10.50
C VAL A 246 -14.93 -4.52 -11.67
N LEU A 247 -13.86 -4.22 -12.41
CA LEU A 247 -14.06 -3.38 -13.58
C LEU A 247 -14.85 -4.12 -14.65
N CYS A 248 -14.61 -5.41 -14.80
CA CYS A 248 -15.36 -6.16 -15.80
C CYS A 248 -16.84 -6.27 -15.40
N ALA A 249 -17.13 -6.48 -14.13
CA ALA A 249 -18.53 -6.51 -13.72
C ALA A 249 -19.18 -5.17 -13.96
N LEU A 250 -18.50 -4.08 -13.63
CA LEU A 250 -19.07 -2.77 -13.87
C LEU A 250 -19.31 -2.54 -15.35
N ALA A 251 -18.40 -3.02 -16.20
CA ALA A 251 -18.55 -2.79 -17.62
C ALA A 251 -19.83 -3.44 -18.15
N LYS A 252 -20.10 -4.69 -17.74
CA LYS A 252 -21.32 -5.34 -18.21
C LYS A 252 -22.58 -4.61 -17.74
N LYS A 253 -22.59 -4.11 -16.50
CA LYS A 253 -23.76 -3.41 -15.98
C LYS A 253 -24.12 -2.23 -16.87
N HIS A 254 -23.13 -1.41 -17.23
CA HIS A 254 -23.37 -0.28 -18.12
C HIS A 254 -23.21 -0.65 -19.60
N LYS A 255 -22.91 -1.92 -19.86
CA LYS A 255 -22.43 -2.43 -21.15
C LYS A 255 -21.60 -1.38 -21.86
N ARG A 256 -20.49 -1.09 -21.19
CA ARG A 256 -19.36 -0.40 -21.78
C ARG A 256 -18.22 -1.38 -21.74
N THR A 257 -16.98 -0.91 -21.77
CA THR A 257 -15.82 -1.77 -21.68
C THR A 257 -15.06 -1.46 -20.41
N PRO A 258 -14.19 -2.37 -19.97
CA PRO A 258 -13.33 -2.05 -18.81
C PRO A 258 -12.58 -0.75 -18.98
N ALA A 259 -11.87 -0.59 -20.10
CA ALA A 259 -11.16 0.65 -20.37
C ALA A 259 -12.03 1.85 -20.09
N LEU A 260 -13.29 1.81 -20.55
CA LEU A 260 -14.19 2.94 -20.40
C LEU A 260 -14.57 3.17 -18.94
N ILE A 261 -14.68 2.10 -18.14
CA ILE A 261 -14.90 2.29 -16.70
C ILE A 261 -13.71 3.01 -16.08
N ALA A 262 -12.50 2.60 -16.45
CA ALA A 262 -11.29 3.19 -15.87
C ALA A 262 -11.17 4.66 -16.22
N LEU A 263 -11.51 5.02 -17.47
CA LEU A 263 -11.45 6.42 -17.85
C LEU A 263 -12.52 7.23 -17.11
N ARG A 264 -13.76 6.72 -17.10
CA ARG A 264 -14.82 7.50 -16.46
C ARG A 264 -14.55 7.69 -14.97
N TYR A 265 -13.92 6.71 -14.32
CA TYR A 265 -13.58 6.84 -12.91
C TYR A 265 -12.76 8.12 -12.65
N GLN A 266 -11.74 8.37 -13.47
CA GLN A 266 -10.89 9.55 -13.27
C GLN A 266 -11.66 10.85 -13.51
N LEU A 267 -12.48 10.90 -14.56
CA LEU A 267 -13.23 12.10 -14.84
C LEU A 267 -14.14 12.50 -13.67
N GLN A 268 -14.85 11.54 -13.08
CA GLN A 268 -15.83 11.90 -12.06
C GLN A 268 -15.18 12.31 -10.74
N ARG A 269 -13.93 11.89 -10.50
CA ARG A 269 -13.19 12.37 -9.34
C ARG A 269 -12.35 13.60 -9.67
N GLY A 270 -12.62 14.24 -10.81
CA GLY A 270 -11.99 15.51 -11.14
C GLY A 270 -10.54 15.41 -11.56
N VAL A 271 -10.11 14.26 -12.08
CA VAL A 271 -8.74 14.08 -12.57
C VAL A 271 -8.75 14.14 -14.09
N VAL A 272 -7.81 14.86 -14.67
CA VAL A 272 -7.71 14.87 -16.12
C VAL A 272 -6.99 13.60 -16.56
N VAL A 273 -7.54 12.93 -17.58
CA VAL A 273 -7.17 11.55 -17.86
C VAL A 273 -6.61 11.46 -19.27
N LEU A 274 -5.47 10.78 -19.39
CA LEU A 274 -4.87 10.49 -20.68
C LEU A 274 -5.23 9.06 -21.08
N ALA A 275 -5.26 8.81 -22.39
CA ALA A 275 -5.48 7.48 -22.92
C ALA A 275 -4.69 7.31 -24.21
N LYS A 276 -3.74 6.39 -24.21
CA LYS A 276 -3.02 6.03 -25.41
C LYS A 276 -3.73 4.87 -26.09
N SER A 277 -3.81 4.92 -27.43
CA SER A 277 -4.12 3.74 -28.23
C SER A 277 -3.64 3.99 -29.65
N TYR A 278 -2.96 3.00 -30.24
CA TYR A 278 -2.59 3.05 -31.64
C TYR A 278 -3.55 2.25 -32.52
N ASN A 279 -4.75 1.97 -32.04
CA ASN A 279 -5.74 1.15 -32.73
C ASN A 279 -6.96 2.00 -33.05
N GLU A 280 -7.30 2.10 -34.34
CA GLU A 280 -8.42 2.94 -34.78
C GLU A 280 -9.69 2.71 -33.95
N GLN A 281 -10.09 1.45 -33.78
CA GLN A 281 -11.35 1.18 -33.11
C GLN A 281 -11.30 1.56 -31.63
N ARG A 282 -10.22 1.21 -30.94
CA ARG A 282 -10.12 1.58 -29.53
C ARG A 282 -9.97 3.09 -29.34
N ILE A 283 -9.33 3.77 -30.28
CA ILE A 283 -9.25 5.23 -30.24
C ILE A 283 -10.64 5.85 -30.26
N ARG A 284 -11.49 5.37 -31.17
CA ARG A 284 -12.83 5.94 -31.28
C ARG A 284 -13.70 5.54 -30.11
N GLN A 285 -13.43 4.36 -29.55
CA GLN A 285 -14.19 3.96 -28.37
C GLN A 285 -13.95 4.88 -27.19
N ASN A 286 -12.71 5.35 -27.01
CA ASN A 286 -12.39 6.07 -25.77
C ASN A 286 -13.09 7.43 -25.71
N VAL A 287 -13.42 8.02 -26.87
CA VAL A 287 -14.17 9.27 -26.85
C VAL A 287 -15.56 9.05 -26.25
N GLN A 288 -16.07 7.82 -26.26
CA GLN A 288 -17.39 7.56 -25.69
C GLN A 288 -17.43 7.72 -24.17
N VAL A 289 -16.31 7.99 -23.50
CA VAL A 289 -16.32 8.16 -22.05
C VAL A 289 -17.30 9.26 -21.61
N PHE A 290 -17.70 10.12 -22.53
CA PHE A 290 -18.61 11.20 -22.19
C PHE A 290 -20.08 10.80 -22.33
N GLU A 291 -20.38 9.56 -22.67
CA GLU A 291 -21.75 9.21 -22.98
C GLU A 291 -22.50 8.61 -21.80
N PHE A 292 -21.80 8.28 -20.72
CA PHE A 292 -22.43 7.66 -19.57
C PHE A 292 -21.78 8.19 -18.30
N GLN A 293 -22.37 7.78 -17.17
CA GLN A 293 -21.92 8.15 -15.85
C GLN A 293 -22.00 6.94 -14.94
N LEU A 294 -21.05 6.88 -14.01
CA LEU A 294 -21.02 5.85 -12.97
C LEU A 294 -21.73 6.38 -11.74
N THR A 295 -22.40 5.49 -11.00
CA THR A 295 -23.05 5.89 -9.76
C THR A 295 -22.01 6.16 -8.68
N ALA A 296 -22.39 6.99 -7.70
CA ALA A 296 -21.52 7.26 -6.57
C ALA A 296 -21.08 5.97 -5.88
N GLU A 297 -21.91 4.93 -5.95
CA GLU A 297 -21.56 3.66 -5.33
C GLU A 297 -20.61 2.86 -6.20
N ASP A 298 -20.76 2.96 -7.54
CA ASP A 298 -19.72 2.44 -8.42
C ASP A 298 -18.37 3.07 -8.09
N MET A 299 -18.37 4.38 -7.81
CA MET A 299 -17.13 5.09 -7.54
C MET A 299 -16.50 4.59 -6.26
N LYS A 300 -17.29 4.32 -5.23
CA LYS A 300 -16.72 3.75 -4.02
C LYS A 300 -16.16 2.37 -4.27
N ALA A 301 -16.88 1.55 -5.05
CA ALA A 301 -16.36 0.22 -5.36
C ALA A 301 -15.00 0.31 -6.05
N ILE A 302 -14.86 1.20 -7.04
CA ILE A 302 -13.57 1.37 -7.69
C ILE A 302 -12.55 1.91 -6.69
N ASP A 303 -12.97 2.80 -5.78
CA ASP A 303 -12.03 3.29 -4.78
C ASP A 303 -11.36 2.16 -4.02
N GLY A 304 -12.05 1.03 -3.84
CA GLY A 304 -11.51 -0.02 -3.02
C GLY A 304 -10.54 -0.96 -3.69
N LEU A 305 -10.15 -0.69 -4.95
CA LEU A 305 -9.20 -1.53 -5.68
C LEU A 305 -7.74 -1.17 -5.45
N ASP A 306 -7.48 -0.02 -4.86
CA ASP A 306 -6.12 0.52 -4.71
C ASP A 306 -5.17 -0.50 -4.09
N ARG A 307 -4.05 -0.78 -4.77
CA ARG A 307 -3.07 -1.68 -4.17
C ARG A 307 -1.66 -1.10 -4.14
N ASN A 308 -1.51 0.23 -4.29
CA ASN A 308 -0.22 0.90 -4.26
C ASN A 308 0.74 0.29 -5.28
N LEU A 309 0.21 0.00 -6.46
CA LEU A 309 0.95 -0.75 -7.48
C LEU A 309 1.48 0.21 -8.54
N HIS A 310 2.81 0.38 -8.61
CA HIS A 310 3.38 1.12 -9.72
C HIS A 310 3.75 0.13 -10.79
N TYR A 311 3.23 0.36 -11.98
CA TYR A 311 3.51 -0.55 -13.07
C TYR A 311 4.97 -0.44 -13.50
N PHE A 312 5.59 0.72 -13.34
CA PHE A 312 6.96 0.94 -13.80
C PHE A 312 7.98 0.57 -12.72
N ASN A 313 8.78 -0.47 -12.99
CA ASN A 313 9.79 -0.96 -12.05
C ASN A 313 11.08 -0.16 -12.20
N SER A 314 11.41 0.62 -11.17
CA SER A 314 12.64 1.40 -11.18
C SER A 314 13.73 0.61 -10.46
N ASP A 315 14.78 0.24 -11.20
CA ASP A 315 15.79 -0.63 -10.62
C ASP A 315 17.17 0.03 -10.62
N SER A 316 17.39 0.97 -11.53
CA SER A 316 18.52 1.89 -11.45
C SER A 316 18.07 3.28 -11.01
N PHE A 317 16.78 3.45 -10.70
CA PHE A 317 16.24 4.74 -10.30
C PHE A 317 15.87 4.82 -8.83
N ALA A 318 15.71 3.68 -8.15
CA ALA A 318 15.25 3.71 -6.77
C ALA A 318 16.25 4.45 -5.89
N SER A 319 17.52 4.43 -6.28
CA SER A 319 18.61 5.12 -5.59
C SER A 319 18.73 6.59 -5.94
N HIS A 320 17.87 7.12 -6.79
CA HIS A 320 17.96 8.56 -7.09
C HIS A 320 17.46 9.35 -5.89
N PRO A 321 18.18 10.39 -5.47
CA PRO A 321 17.70 11.20 -4.34
C PRO A 321 16.32 11.80 -4.56
N ASN A 322 15.88 12.00 -5.81
CA ASN A 322 14.58 12.58 -6.08
C ASN A 322 13.53 11.58 -6.56
N TYR A 323 13.83 10.28 -6.52
CA TYR A 323 12.87 9.23 -6.84
C TYR A 323 11.62 9.41 -6.01
N PRO A 324 10.44 9.57 -6.62
CA PRO A 324 9.26 10.07 -5.90
C PRO A 324 8.52 9.03 -5.07
N TYR A 325 8.79 7.74 -5.24
CA TYR A 325 8.12 6.72 -4.44
C TYR A 325 8.89 6.40 -3.16
N SER A 326 9.89 7.23 -2.83
CA SER A 326 10.60 7.16 -1.58
C SER A 326 9.71 7.63 -0.44
N HIS B 11 -20.59 -10.48 16.22
CA HIS B 11 -19.21 -10.22 16.62
C HIS B 11 -19.14 -9.45 17.95
N GLN B 12 -19.00 -10.19 19.05
CA GLN B 12 -18.97 -9.62 20.39
C GLN B 12 -17.54 -9.24 20.79
N CYS B 13 -17.46 -8.35 21.76
CA CYS B 13 -16.21 -7.80 22.24
C CYS B 13 -16.04 -8.03 23.73
N VAL B 14 -14.84 -7.72 24.20
CA VAL B 14 -14.52 -7.77 25.61
C VAL B 14 -13.92 -6.44 26.04
N LYS B 15 -14.24 -6.02 27.27
CA LYS B 15 -13.73 -4.76 27.83
C LYS B 15 -12.32 -4.96 28.38
N LEU B 16 -11.38 -4.14 27.92
CA LEU B 16 -10.01 -4.19 28.41
C LEU B 16 -9.86 -3.29 29.62
N ASN B 17 -8.77 -3.46 30.35
CA ASN B 17 -8.67 -2.79 31.64
C ASN B 17 -8.35 -1.29 31.54
N ASP B 18 -8.15 -0.76 30.35
CA ASP B 18 -8.12 0.68 30.11
C ASP B 18 -9.41 1.20 29.51
N GLY B 19 -10.41 0.33 29.32
CA GLY B 19 -11.72 0.72 28.84
C GLY B 19 -11.97 0.53 27.36
N HIS B 20 -10.94 0.26 26.56
CA HIS B 20 -11.26 0.04 25.17
C HIS B 20 -11.84 -1.36 24.99
N PHE B 21 -12.41 -1.61 23.81
CA PHE B 21 -13.05 -2.88 23.52
C PHE B 21 -12.26 -3.65 22.45
N MET B 22 -12.20 -4.98 22.62
CA MET B 22 -11.48 -5.88 21.70
C MET B 22 -12.37 -7.00 21.28
N PRO B 23 -12.53 -7.26 19.97
CA PRO B 23 -13.33 -8.39 19.51
C PRO B 23 -12.65 -9.70 19.89
N VAL B 24 -13.45 -10.69 20.30
CA VAL B 24 -12.86 -11.93 20.80
C VAL B 24 -12.34 -12.86 19.70
N LEU B 25 -12.67 -12.62 18.42
CA LEU B 25 -12.15 -13.44 17.31
C LEU B 25 -11.26 -12.57 16.44
N GLY B 26 -10.05 -13.05 16.15
CA GLY B 26 -9.08 -12.28 15.39
C GLY B 26 -8.45 -13.04 14.23
N PHE B 27 -8.12 -12.28 13.18
CA PHE B 27 -7.55 -12.81 11.95
C PHE B 27 -6.03 -12.72 12.04
N GLY B 28 -5.35 -13.86 11.87
CA GLY B 28 -3.90 -13.87 11.90
C GLY B 28 -3.38 -13.64 10.48
N THR B 29 -2.39 -12.76 10.36
CA THR B 29 -1.94 -12.32 9.05
C THR B 29 -0.56 -12.84 8.62
N TYR B 30 0.16 -13.60 9.47
CA TYR B 30 1.53 -13.96 9.12
C TYR B 30 1.54 -15.07 8.07
N ALA B 31 2.27 -14.85 6.98
CA ALA B 31 2.53 -15.90 6.01
C ALA B 31 4.03 -16.02 5.74
N PRO B 32 4.52 -17.22 5.47
CA PRO B 32 5.96 -17.41 5.19
C PRO B 32 6.40 -16.66 3.95
N PRO B 33 7.72 -16.45 3.76
CA PRO B 33 8.19 -15.60 2.66
C PRO B 33 7.89 -16.14 1.27
N GLU B 34 7.55 -17.42 1.15
CA GLU B 34 7.19 -17.93 -0.17
C GLU B 34 5.82 -17.42 -0.63
N VAL B 35 4.93 -17.07 0.28
CA VAL B 35 3.66 -16.45 -0.09
C VAL B 35 3.94 -15.04 -0.59
N PRO B 36 3.53 -14.68 -1.80
CA PRO B 36 3.80 -13.32 -2.28
C PRO B 36 3.13 -12.31 -1.37
N ARG B 37 3.77 -11.15 -1.22
CA ARG B 37 3.30 -10.15 -0.28
C ARG B 37 1.93 -9.62 -0.67
N SER B 38 1.54 -9.76 -1.93
CA SER B 38 0.22 -9.29 -2.35
C SER B 38 -0.90 -10.14 -1.77
N LYS B 39 -0.62 -11.38 -1.37
CA LYS B 39 -1.69 -12.22 -0.83
C LYS B 39 -2.22 -11.66 0.48
N ALA B 40 -1.35 -11.08 1.30
CA ALA B 40 -1.82 -10.51 2.56
C ALA B 40 -2.92 -9.48 2.33
N LEU B 41 -2.81 -8.71 1.25
CA LEU B 41 -3.84 -7.73 0.95
C LEU B 41 -5.14 -8.42 0.57
N GLU B 42 -5.04 -9.49 -0.23
CA GLU B 42 -6.21 -10.18 -0.72
C GLU B 42 -6.96 -10.87 0.42
N VAL B 43 -6.26 -11.54 1.33
CA VAL B 43 -6.98 -12.35 2.33
C VAL B 43 -7.47 -11.51 3.49
N THR B 44 -6.78 -10.41 3.81
CA THR B 44 -7.28 -9.48 4.83
C THR B 44 -8.60 -8.84 4.40
N LYS B 45 -8.71 -8.47 3.12
CA LYS B 45 -10.00 -8.01 2.63
C LYS B 45 -11.04 -9.12 2.71
N LEU B 46 -10.66 -10.37 2.34
CA LEU B 46 -11.61 -11.47 2.44
C LEU B 46 -12.06 -11.68 3.88
N ALA B 47 -11.15 -11.54 4.85
CA ALA B 47 -11.53 -11.74 6.25
C ALA B 47 -12.48 -10.64 6.75
N ILE B 48 -12.25 -9.40 6.32
CA ILE B 48 -13.13 -8.30 6.72
C ILE B 48 -14.51 -8.48 6.09
N GLU B 49 -14.56 -8.85 4.82
CA GLU B 49 -15.83 -9.14 4.17
C GLU B 49 -16.57 -10.27 4.86
N ALA B 50 -15.82 -11.24 5.39
CA ALA B 50 -16.44 -12.37 6.08
C ALA B 50 -16.95 -12.02 7.47
N GLY B 51 -16.54 -10.88 8.03
CA GLY B 51 -16.95 -10.48 9.36
C GLY B 51 -15.83 -10.25 10.36
N PHE B 52 -14.57 -10.54 10.07
CA PHE B 52 -13.54 -10.21 11.05
C PHE B 52 -13.47 -8.70 11.28
N ARG B 53 -13.32 -8.30 12.52
CA ARG B 53 -13.03 -6.91 12.82
C ARG B 53 -11.72 -6.75 13.58
N HIS B 54 -11.05 -7.86 13.89
CA HIS B 54 -9.80 -7.88 14.66
C HIS B 54 -8.72 -8.49 13.79
N ILE B 55 -7.70 -7.69 13.47
CA ILE B 55 -6.64 -8.09 12.54
C ILE B 55 -5.30 -7.98 13.26
N ASP B 56 -4.56 -9.06 13.31
CA ASP B 56 -3.30 -9.11 14.06
C ASP B 56 -2.09 -9.10 13.13
N SER B 57 -1.29 -8.04 13.20
CA SER B 57 -0.06 -8.00 12.44
C SER B 57 1.11 -7.64 13.36
N ALA B 58 2.28 -7.50 12.75
CA ALA B 58 3.53 -7.22 13.46
C ALA B 58 4.55 -6.70 12.45
N HIS B 59 5.47 -5.86 12.93
CA HIS B 59 6.58 -5.43 12.07
C HIS B 59 7.36 -6.63 11.56
N LEU B 60 7.42 -7.70 12.36
CA LEU B 60 8.14 -8.88 11.96
C LEU B 60 7.56 -9.49 10.69
N TYR B 61 6.25 -9.33 10.45
CA TYR B 61 5.58 -10.10 9.40
C TYR B 61 5.82 -9.57 7.99
N ASN B 62 6.40 -8.38 7.84
CA ASN B 62 6.67 -7.79 6.52
C ASN B 62 5.41 -7.74 5.66
N ASN B 63 4.33 -7.26 6.25
CA ASN B 63 3.07 -7.19 5.53
C ASN B 63 2.21 -5.99 5.94
N GLU B 64 2.71 -5.04 6.74
CA GLU B 64 1.79 -4.05 7.30
C GLU B 64 1.28 -3.07 6.25
N GLU B 65 2.06 -2.82 5.21
CA GLU B 65 1.58 -1.96 4.14
C GLU B 65 0.38 -2.59 3.43
N GLN B 66 0.49 -3.89 3.13
CA GLN B 66 -0.59 -4.61 2.48
C GLN B 66 -1.80 -4.78 3.41
N VAL B 67 -1.55 -5.09 4.68
CA VAL B 67 -2.67 -5.20 5.62
C VAL B 67 -3.34 -3.85 5.80
N GLY B 68 -2.55 -2.77 5.90
CA GLY B 68 -3.11 -1.43 5.97
C GLY B 68 -3.91 -1.08 4.72
N LEU B 69 -3.47 -1.58 3.56
CA LEU B 69 -4.21 -1.32 2.33
C LEU B 69 -5.56 -2.01 2.34
N ALA B 70 -5.61 -3.23 2.86
CA ALA B 70 -6.90 -3.92 2.96
C ALA B 70 -7.88 -3.14 3.82
N ILE B 71 -7.44 -2.66 4.98
CA ILE B 71 -8.32 -1.88 5.83
C ILE B 71 -8.76 -0.63 5.09
N ARG B 72 -7.82 0.02 4.38
CA ARG B 72 -8.12 1.24 3.64
C ARG B 72 -9.16 1.00 2.56
N SER B 73 -9.12 -0.18 1.92
CA SER B 73 -10.07 -0.50 0.87
C SER B 73 -11.47 -0.66 1.43
N LYS B 74 -11.60 -1.40 2.52
CA LYS B 74 -12.92 -1.66 3.08
C LYS B 74 -13.56 -0.40 3.65
N ILE B 75 -12.73 0.54 4.10
CA ILE B 75 -13.24 1.82 4.55
C ILE B 75 -13.71 2.66 3.37
N ALA B 76 -12.89 2.71 2.31
CA ALA B 76 -13.19 3.58 1.18
C ALA B 76 -14.33 3.04 0.30
N ASP B 77 -14.56 1.73 0.28
CA ASP B 77 -15.73 1.26 -0.46
C ASP B 77 -17.00 1.33 0.39
N GLY B 78 -16.88 1.78 1.64
CA GLY B 78 -18.04 1.97 2.50
C GLY B 78 -18.43 0.75 3.31
N SER B 79 -17.60 -0.29 3.36
CA SER B 79 -17.97 -1.52 4.08
C SER B 79 -17.83 -1.38 5.59
N VAL B 80 -16.83 -0.66 6.06
CA VAL B 80 -16.60 -0.43 7.48
C VAL B 80 -16.08 0.99 7.69
N LYS B 81 -16.06 1.38 8.94
CA LYS B 81 -15.42 2.60 9.39
C LYS B 81 -14.18 2.24 10.17
N ARG B 82 -13.25 3.20 10.26
CA ARG B 82 -12.01 2.99 11.00
C ARG B 82 -12.26 2.51 12.42
N GLU B 83 -13.27 3.07 13.08
CA GLU B 83 -13.53 2.73 14.48
C GLU B 83 -14.17 1.37 14.66
N ASP B 84 -14.55 0.71 13.56
CA ASP B 84 -15.05 -0.66 13.57
C ASP B 84 -13.95 -1.71 13.49
N ILE B 85 -12.71 -1.31 13.22
CA ILE B 85 -11.59 -2.22 13.02
C ILE B 85 -10.69 -2.16 14.25
N PHE B 86 -10.34 -3.31 14.79
CA PHE B 86 -9.38 -3.40 15.88
C PHE B 86 -8.09 -3.92 15.28
N TYR B 87 -7.07 -3.06 15.22
CA TYR B 87 -5.86 -3.34 14.48
C TYR B 87 -4.69 -3.42 15.43
N THR B 88 -3.93 -4.50 15.35
CA THR B 88 -2.84 -4.74 16.27
C THR B 88 -1.53 -4.80 15.50
N SER B 89 -0.50 -4.14 16.04
CA SER B 89 0.86 -4.34 15.59
C SER B 89 1.76 -4.59 16.79
N LYS B 90 3.03 -4.91 16.50
CA LYS B 90 3.95 -5.44 17.48
C LYS B 90 5.33 -4.86 17.26
N LEU B 91 5.96 -4.44 18.35
CA LEU B 91 7.33 -3.98 18.35
C LEU B 91 8.27 -5.18 18.35
N TRP B 92 9.09 -5.30 17.31
CA TRP B 92 10.01 -6.41 17.24
C TRP B 92 11.17 -6.23 18.21
N SER B 93 11.82 -7.34 18.53
CA SER B 93 12.78 -7.46 19.62
C SER B 93 14.05 -6.67 19.38
N THR B 94 14.31 -6.23 18.15
CA THR B 94 15.46 -5.38 17.91
C THR B 94 15.22 -3.93 18.33
N PHE B 95 14.02 -3.61 18.78
CA PHE B 95 13.66 -2.24 19.09
C PHE B 95 13.29 -2.05 20.56
N HIS B 96 13.75 -2.95 21.44
CA HIS B 96 13.38 -2.85 22.85
C HIS B 96 14.00 -1.62 23.53
N ARG B 97 15.12 -1.09 23.03
CA ARG B 97 15.77 0.03 23.71
C ARG B 97 14.84 1.23 23.68
N PRO B 98 14.59 1.88 24.82
CA PRO B 98 13.46 2.82 24.91
C PRO B 98 13.41 3.88 23.82
N GLU B 99 14.55 4.43 23.43
CA GLU B 99 14.48 5.48 22.42
C GLU B 99 14.13 4.95 21.04
N LEU B 100 14.09 3.63 20.85
CA LEU B 100 13.73 3.08 19.54
C LEU B 100 12.26 2.74 19.42
N VAL B 101 11.47 2.97 20.47
CA VAL B 101 10.13 2.42 20.51
C VAL B 101 9.16 3.29 19.72
N ARG B 102 9.10 4.58 20.04
CA ARG B 102 8.24 5.46 19.29
C ARG B 102 8.58 5.55 17.80
N PRO B 103 9.85 5.66 17.38
CA PRO B 103 10.12 5.68 15.93
C PRO B 103 9.66 4.42 15.23
N ALA B 104 9.79 3.28 15.90
CA ALA B 104 9.34 2.02 15.31
C ALA B 104 7.82 1.99 15.13
N LEU B 105 7.08 2.43 16.13
CA LEU B 105 5.63 2.48 16.00
C LEU B 105 5.23 3.44 14.88
N GLU B 106 5.81 4.64 14.87
CA GLU B 106 5.54 5.58 13.79
C GLU B 106 5.88 4.99 12.43
N ASN B 107 6.92 4.17 12.36
CA ASN B 107 7.25 3.54 11.10
C ASN B 107 6.19 2.53 10.71
N SER B 108 5.64 1.83 11.70
CA SER B 108 4.53 0.92 11.43
C SER B 108 3.32 1.71 10.95
N LEU B 109 3.03 2.84 11.58
CA LEU B 109 1.86 3.61 11.20
C LEU B 109 1.98 4.14 9.78
N LYS B 110 3.17 4.56 9.36
CA LYS B 110 3.30 5.12 8.03
C LYS B 110 3.23 4.01 7.00
N LYS B 111 3.84 2.85 7.29
CA LYS B 111 3.72 1.72 6.38
C LYS B 111 2.26 1.32 6.26
N ALA B 112 1.54 1.27 7.38
CA ALA B 112 0.14 0.86 7.37
C ALA B 112 -0.80 1.96 6.89
N GLN B 113 -0.33 3.20 6.85
CA GLN B 113 -1.16 4.37 6.53
C GLN B 113 -2.37 4.42 7.46
N LEU B 114 -2.09 4.45 8.75
CA LEU B 114 -3.08 4.70 9.75
C LEU B 114 -2.54 5.75 10.71
N ASP B 115 -3.44 6.48 11.36
CA ASP B 115 -3.05 7.46 12.35
C ASP B 115 -2.77 6.84 13.71
N TYR B 116 -3.30 5.65 13.97
CA TYR B 116 -3.15 5.01 15.27
C TYR B 116 -3.36 3.53 15.06
N VAL B 117 -2.80 2.73 15.97
CA VAL B 117 -3.13 1.33 16.06
C VAL B 117 -4.01 1.17 17.29
N ASP B 118 -4.92 0.21 17.23
CA ASP B 118 -5.74 -0.12 18.39
C ASP B 118 -4.94 -0.80 19.48
N LEU B 119 -3.84 -1.45 19.12
CA LEU B 119 -3.07 -2.17 20.12
C LEU B 119 -1.65 -2.32 19.63
N TYR B 120 -0.69 -2.02 20.52
CA TYR B 120 0.71 -2.21 20.24
C TYR B 120 1.29 -3.14 21.30
N LEU B 121 2.02 -4.15 20.87
CA LEU B 121 2.52 -5.19 21.76
C LEU B 121 4.04 -5.22 21.72
N ILE B 122 4.61 -5.60 22.85
CA ILE B 122 5.96 -6.12 22.83
C ILE B 122 5.87 -7.56 22.31
N HIS B 123 6.45 -7.81 21.13
CA HIS B 123 6.30 -9.13 20.50
C HIS B 123 6.85 -10.23 21.40
N SER B 124 7.88 -9.93 22.17
CA SER B 124 8.63 -10.97 22.85
C SER B 124 9.59 -10.36 23.86
N PRO B 125 9.83 -11.01 25.00
CA PRO B 125 10.76 -10.46 26.00
C PRO B 125 12.22 -10.76 25.72
N MET B 126 12.54 -11.44 24.62
CA MET B 126 13.91 -11.82 24.32
C MET B 126 14.54 -10.75 23.43
N SER B 127 15.09 -9.72 24.07
CA SER B 127 15.72 -8.60 23.37
C SER B 127 16.86 -9.04 22.44
N LEU B 128 17.00 -8.34 21.33
CA LEU B 128 18.02 -8.67 20.33
C LEU B 128 18.80 -7.43 19.91
N LYS B 129 19.94 -7.69 19.29
CA LYS B 129 20.86 -6.64 18.90
C LYS B 129 20.13 -5.60 18.06
N PRO B 130 20.21 -4.32 18.41
CA PRO B 130 19.58 -3.30 17.58
C PRO B 130 20.24 -3.28 16.21
N GLY B 131 19.49 -2.81 15.22
CA GLY B 131 20.02 -2.82 13.88
C GLY B 131 18.93 -3.06 12.87
N GLU B 132 19.38 -3.40 11.66
CA GLU B 132 18.52 -3.51 10.51
C GLU B 132 17.94 -4.92 10.35
N GLU B 133 18.73 -5.95 10.65
CA GLU B 133 18.27 -7.33 10.50
C GLU B 133 17.22 -7.69 11.55
N LEU B 134 16.23 -8.47 11.11
CA LEU B 134 15.27 -9.06 12.02
C LEU B 134 15.89 -10.08 12.96
N SER B 135 16.84 -10.88 12.44
CA SER B 135 17.46 -11.95 13.20
C SER B 135 18.98 -11.78 13.14
N PRO B 136 19.53 -10.81 13.89
CA PRO B 136 20.96 -10.53 13.80
C PRO B 136 21.78 -11.74 14.22
N THR B 137 22.83 -12.02 13.45
CA THR B 137 23.56 -13.29 13.53
C THR B 137 25.06 -13.00 13.48
N ASP B 138 25.83 -13.56 14.41
CA ASP B 138 27.27 -13.29 14.47
C ASP B 138 28.06 -14.27 13.60
N GLU B 139 29.38 -14.24 13.78
CA GLU B 139 30.37 -14.99 13.00
C GLU B 139 30.24 -16.49 13.10
N ASN B 140 29.50 -17.00 14.08
CA ASN B 140 29.39 -18.43 14.27
C ASN B 140 27.94 -18.88 14.12
N GLY B 141 27.18 -18.11 13.36
CA GLY B 141 25.84 -18.48 13.00
C GLY B 141 24.86 -18.39 14.13
N LYS B 142 25.25 -17.83 15.26
CA LYS B 142 24.40 -17.73 16.44
C LYS B 142 23.71 -16.35 16.53
N VAL B 143 22.46 -16.36 16.99
CA VAL B 143 21.69 -15.13 17.14
C VAL B 143 22.25 -14.27 18.27
N ILE B 144 22.16 -12.95 18.09
CA ILE B 144 22.84 -11.99 18.94
C ILE B 144 21.86 -11.42 19.96
N PHE B 145 21.99 -11.85 21.21
CA PHE B 145 21.15 -11.33 22.29
C PHE B 145 21.57 -9.89 22.65
N ASP B 146 20.67 -9.19 23.34
CA ASP B 146 20.90 -7.87 23.90
C ASP B 146 20.22 -7.75 25.25
N ILE B 147 20.81 -6.98 26.16
CA ILE B 147 20.29 -6.84 27.51
C ILE B 147 19.54 -5.52 27.61
N VAL B 148 18.26 -5.59 27.93
CA VAL B 148 17.43 -4.39 28.07
C VAL B 148 16.50 -4.62 29.24
N ASP B 149 16.42 -3.66 30.13
CA ASP B 149 15.42 -3.73 31.19
C ASP B 149 14.05 -3.46 30.57
N LEU B 150 13.17 -4.46 30.55
CA LEU B 150 11.90 -4.29 29.88
C LEU B 150 11.01 -3.26 30.54
N CYS B 151 11.27 -2.91 31.80
CA CYS B 151 10.49 -1.86 32.45
C CYS B 151 10.70 -0.52 31.78
N THR B 152 11.90 -0.27 31.24
CA THR B 152 12.17 0.94 30.47
C THR B 152 11.53 0.86 29.11
N THR B 153 11.54 -0.33 28.50
CA THR B 153 10.75 -0.54 27.30
C THR B 153 9.28 -0.21 27.56
N TRP B 154 8.71 -0.76 28.63
CA TRP B 154 7.30 -0.51 28.94
C TRP B 154 6.99 0.99 29.08
N GLU B 155 7.88 1.75 29.76
CA GLU B 155 7.64 3.18 29.91
C GLU B 155 7.53 3.89 28.57
N ALA B 156 8.38 3.53 27.61
CA ALA B 156 8.25 4.07 26.25
C ALA B 156 6.95 3.61 25.59
N MET B 157 6.55 2.36 25.82
CA MET B 157 5.22 1.95 25.38
C MET B 157 4.15 2.90 25.95
N GLU B 158 4.23 3.18 27.26
CA GLU B 158 3.20 4.04 27.87
C GLU B 158 3.23 5.44 27.25
N LYS B 159 4.41 5.93 26.85
CA LYS B 159 4.45 7.21 26.13
C LYS B 159 3.65 7.15 24.83
N CYS B 160 3.63 5.99 24.18
CA CYS B 160 2.91 5.88 22.91
C CYS B 160 1.41 5.95 23.14
N LYS B 161 0.93 5.35 24.23
CA LYS B 161 -0.49 5.48 24.57
C LYS B 161 -0.82 6.92 24.94
N ASP B 162 0.02 7.57 25.76
CA ASP B 162 -0.22 8.96 26.15
C ASP B 162 -0.45 9.85 24.94
N ALA B 163 0.38 9.67 23.92
CA ALA B 163 0.34 10.42 22.68
C ALA B 163 -0.78 10.00 21.73
N GLY B 164 -1.59 9.00 22.09
CA GLY B 164 -2.67 8.58 21.21
C GLY B 164 -2.28 7.83 19.95
N LEU B 165 -1.04 7.34 19.83
CA LEU B 165 -0.68 6.54 18.66
C LEU B 165 -1.08 5.09 18.81
N ALA B 166 -1.26 4.64 20.04
CA ALA B 166 -1.73 3.30 20.37
C ALA B 166 -2.82 3.45 21.42
N LYS B 167 -4.03 3.04 21.09
CA LYS B 167 -5.12 3.18 22.05
C LYS B 167 -4.94 2.26 23.23
N SER B 168 -4.28 1.11 23.01
CA SER B 168 -4.00 0.17 24.08
C SER B 168 -2.60 -0.42 23.90
N ILE B 169 -1.97 -0.77 25.04
CA ILE B 169 -0.66 -1.42 25.00
C ILE B 169 -0.71 -2.72 25.79
N GLY B 170 0.07 -3.69 25.34
CA GLY B 170 0.16 -4.96 26.01
C GLY B 170 1.47 -5.65 25.66
N VAL B 171 1.60 -6.92 26.07
CA VAL B 171 2.81 -7.68 25.85
C VAL B 171 2.43 -9.04 25.26
N SER B 172 3.45 -9.86 24.98
CA SER B 172 3.29 -11.12 24.27
C SER B 172 4.43 -12.07 24.63
N ASN B 173 4.10 -13.35 24.80
CA ASN B 173 5.08 -14.40 25.14
C ASN B 173 5.73 -14.18 26.50
N PHE B 174 5.10 -13.39 27.37
CA PHE B 174 5.57 -13.22 28.74
C PHE B 174 5.02 -14.34 29.62
N ASN B 175 5.83 -14.75 30.60
CA ASN B 175 5.39 -15.66 31.65
C ASN B 175 5.01 -14.87 32.91
N ARG B 176 4.62 -15.58 33.97
CA ARG B 176 4.14 -14.92 35.19
C ARG B 176 5.19 -13.97 35.75
N ARG B 177 6.43 -14.44 35.90
CA ARG B 177 7.48 -13.63 36.52
C ARG B 177 7.71 -12.35 35.72
N GLN B 178 7.59 -12.45 34.39
CA GLN B 178 7.83 -11.30 33.53
C GLN B 178 6.68 -10.31 33.60
N LEU B 179 5.45 -10.79 33.74
CA LEU B 179 4.33 -9.88 33.94
C LEU B 179 4.45 -9.16 35.27
N GLU B 180 4.69 -9.90 36.36
CA GLU B 180 4.85 -9.25 37.67
C GLU B 180 5.92 -8.17 37.61
N MET B 181 6.96 -8.38 36.81
CA MET B 181 7.99 -7.36 36.62
C MET B 181 7.39 -6.07 36.11
N ILE B 182 6.47 -6.14 35.14
CA ILE B 182 5.77 -4.93 34.71
C ILE B 182 4.75 -4.50 35.74
N LEU B 183 4.00 -5.46 36.28
CA LEU B 183 2.91 -5.11 37.17
C LEU B 183 3.43 -4.45 38.43
N ASN B 184 4.61 -4.85 38.92
CA ASN B 184 5.16 -4.27 40.14
C ASN B 184 6.12 -3.11 39.87
N LYS B 185 6.05 -2.49 38.71
CA LYS B 185 7.00 -1.44 38.35
C LYS B 185 6.67 -0.16 39.11
N PRO B 186 7.60 0.42 39.88
CA PRO B 186 7.30 1.69 40.55
C PRO B 186 6.88 2.74 39.54
N GLY B 187 5.80 3.46 39.87
CA GLY B 187 5.31 4.50 38.99
C GLY B 187 4.58 4.02 37.75
N LEU B 188 4.06 2.79 37.75
CA LEU B 188 3.37 2.26 36.58
C LEU B 188 2.16 3.12 36.20
N LYS B 189 2.10 3.51 34.93
CA LYS B 189 0.97 4.30 34.42
C LYS B 189 -0.15 3.43 33.88
N TYR B 190 0.19 2.44 33.04
CA TYR B 190 -0.79 1.54 32.43
C TYR B 190 -0.36 0.08 32.58
N LYS B 191 -1.24 -0.75 33.15
CA LYS B 191 -1.04 -2.19 33.05
C LYS B 191 -1.12 -2.59 31.59
N PRO B 192 -0.50 -3.71 31.23
CA PRO B 192 -0.79 -4.31 29.91
C PRO B 192 -2.23 -4.74 29.85
N VAL B 193 -2.87 -4.49 28.70
CA VAL B 193 -4.23 -4.98 28.51
C VAL B 193 -4.25 -6.48 28.21
N CYS B 194 -3.17 -7.06 27.72
CA CYS B 194 -3.25 -8.45 27.27
C CYS B 194 -1.85 -9.06 27.19
N ASN B 195 -1.83 -10.39 27.07
CA ASN B 195 -0.60 -11.16 26.89
C ASN B 195 -0.90 -12.19 25.82
N GLN B 196 -0.32 -12.01 24.63
CA GLN B 196 -0.59 -12.88 23.49
C GLN B 196 0.43 -14.02 23.54
N VAL B 197 -0.05 -15.25 23.72
CA VAL B 197 0.82 -16.39 23.99
C VAL B 197 0.30 -17.57 23.17
N GLU B 198 1.18 -18.56 22.96
CA GLU B 198 0.79 -19.81 22.32
C GLU B 198 -0.17 -20.58 23.23
N CYS B 199 -1.35 -20.90 22.71
CA CYS B 199 -2.42 -21.49 23.51
C CYS B 199 -3.26 -22.39 22.62
N HIS B 200 -3.33 -23.67 22.96
CA HIS B 200 -4.14 -24.63 22.22
C HIS B 200 -4.40 -25.83 23.13
N PRO B 201 -5.32 -26.73 22.76
CA PRO B 201 -5.63 -27.86 23.65
C PRO B 201 -4.43 -28.70 24.07
N TYR B 202 -3.35 -28.70 23.31
CA TYR B 202 -2.16 -29.45 23.70
C TYR B 202 -1.23 -28.64 24.60
N PHE B 203 -1.59 -27.38 24.89
CA PHE B 203 -0.78 -26.46 25.67
C PHE B 203 -1.71 -25.34 26.13
N ASN B 204 -2.64 -25.65 27.04
CA ASN B 204 -3.78 -24.77 27.24
C ASN B 204 -3.51 -23.60 28.16
N ARG B 205 -2.32 -23.54 28.79
CA ARG B 205 -1.91 -22.38 29.59
C ARG B 205 -2.90 -22.07 30.71
N SER B 206 -3.45 -23.12 31.33
CA SER B 206 -4.50 -22.90 32.34
C SER B 206 -4.00 -22.07 33.52
N LYS B 207 -2.78 -22.35 33.99
CA LYS B 207 -2.22 -21.61 35.10
C LYS B 207 -1.99 -20.14 34.73
N LEU B 208 -1.37 -19.89 33.58
CA LEU B 208 -1.14 -18.51 33.14
C LEU B 208 -2.46 -17.77 32.95
N LEU B 209 -3.44 -18.42 32.32
CA LEU B 209 -4.74 -17.79 32.10
C LEU B 209 -5.34 -17.35 33.44
N ASP B 210 -5.31 -18.24 34.43
CA ASP B 210 -5.81 -17.91 35.77
C ASP B 210 -5.09 -16.71 36.36
N PHE B 211 -3.76 -16.65 36.24
CA PHE B 211 -3.03 -15.50 36.77
C PHE B 211 -3.46 -14.22 36.06
N CYS B 212 -3.55 -14.26 34.73
CA CYS B 212 -3.97 -13.07 34.01
C CYS B 212 -5.38 -12.66 34.39
N LYS B 213 -6.24 -13.62 34.71
CA LYS B 213 -7.60 -13.26 35.09
C LYS B 213 -7.60 -12.46 36.38
N SER B 214 -6.70 -12.82 37.31
CA SER B 214 -6.66 -12.16 38.62
C SER B 214 -6.13 -10.74 38.55
N LYS B 215 -5.47 -10.38 37.45
CA LYS B 215 -4.90 -9.06 37.26
C LYS B 215 -5.66 -8.25 36.20
N ASP B 216 -6.79 -8.78 35.71
CA ASP B 216 -7.57 -8.12 34.67
C ASP B 216 -6.74 -7.93 33.41
N ILE B 217 -6.09 -9.02 32.97
CA ILE B 217 -5.28 -9.07 31.76
C ILE B 217 -5.89 -10.10 30.80
N VAL B 218 -6.13 -9.70 29.57
CA VAL B 218 -6.74 -10.62 28.62
C VAL B 218 -5.69 -11.57 28.09
N LEU B 219 -6.01 -12.85 28.06
CA LEU B 219 -5.16 -13.84 27.40
C LEU B 219 -5.61 -13.94 25.95
N VAL B 220 -4.67 -13.80 25.01
CA VAL B 220 -4.95 -13.88 23.58
C VAL B 220 -4.21 -15.09 23.02
N ALA B 221 -4.95 -15.95 22.32
CA ALA B 221 -4.40 -17.22 21.87
C ALA B 221 -3.87 -17.11 20.44
N TYR B 222 -2.63 -17.56 20.24
CA TYR B 222 -2.12 -17.79 18.89
C TYR B 222 -1.72 -19.25 18.74
N SER B 223 -1.55 -19.66 17.48
CA SER B 223 -1.36 -21.07 17.13
C SER B 223 -2.48 -21.92 17.75
N ALA B 224 -3.67 -21.32 17.80
CA ALA B 224 -4.85 -21.97 18.36
C ALA B 224 -5.33 -23.14 17.50
N LEU B 225 -4.99 -23.15 16.22
CA LEU B 225 -5.37 -24.25 15.35
C LEU B 225 -4.22 -25.21 15.15
N GLY B 226 -3.23 -25.18 16.04
CA GLY B 226 -2.09 -26.06 15.94
C GLY B 226 -0.93 -25.55 15.12
N SER B 227 -0.93 -24.24 14.75
CA SER B 227 0.15 -23.56 14.06
C SER B 227 0.28 -23.97 12.60
N GLN B 228 1.09 -23.25 11.84
CA GLN B 228 1.22 -23.51 10.40
C GLN B 228 2.17 -24.67 10.13
N ARG B 229 2.76 -25.25 11.16
CA ARG B 229 3.71 -26.34 10.99
C ARG B 229 4.79 -25.95 10.00
N ASP B 230 5.23 -24.69 10.10
CA ASP B 230 6.29 -24.21 9.23
C ASP B 230 7.50 -25.10 9.41
N LYS B 231 8.03 -25.61 8.29
CA LYS B 231 9.01 -26.68 8.42
C LYS B 231 10.35 -26.19 8.95
N ARG B 232 10.58 -24.88 8.97
CA ARG B 232 11.80 -24.39 9.60
C ARG B 232 11.78 -24.55 11.10
N TRP B 233 10.61 -24.59 11.73
CA TRP B 233 10.52 -24.49 13.18
C TRP B 233 9.79 -25.63 13.88
N VAL B 234 8.80 -26.22 13.26
CA VAL B 234 7.96 -27.19 13.93
C VAL B 234 8.52 -28.57 13.64
N ASP B 235 8.64 -29.39 14.69
CA ASP B 235 9.10 -30.77 14.51
C ASP B 235 8.05 -31.55 13.71
N PRO B 236 8.40 -32.13 12.56
CA PRO B 236 7.40 -32.82 11.74
C PRO B 236 6.66 -33.92 12.49
N ASN B 237 7.30 -34.56 13.49
CA ASN B 237 6.65 -35.64 14.19
C ASN B 237 5.68 -35.19 15.26
N SER B 238 5.63 -33.89 15.58
CA SER B 238 4.74 -33.45 16.63
C SER B 238 3.29 -33.72 16.22
N PRO B 239 2.41 -33.95 17.19
CA PRO B 239 1.02 -34.24 16.86
C PRO B 239 0.39 -33.10 16.09
N VAL B 240 -0.43 -33.48 15.12
CA VAL B 240 -1.21 -32.54 14.32
C VAL B 240 -2.49 -32.26 15.11
N LEU B 241 -2.62 -31.04 15.61
CA LEU B 241 -3.76 -30.68 16.45
C LEU B 241 -5.09 -30.97 15.77
N LEU B 242 -5.22 -30.60 14.48
CA LEU B 242 -6.52 -30.63 13.80
C LEU B 242 -6.93 -32.03 13.34
N GLU B 243 -6.04 -33.01 13.46
CA GLU B 243 -6.37 -34.41 13.26
C GLU B 243 -6.65 -35.14 14.58
N ASP B 244 -6.85 -34.43 15.66
CA ASP B 244 -6.95 -35.07 16.97
C ASP B 244 -8.30 -35.76 17.11
N PRO B 245 -8.33 -37.02 17.54
CA PRO B 245 -9.59 -37.77 17.48
C PRO B 245 -10.68 -37.17 18.34
N VAL B 246 -10.32 -36.55 19.46
CA VAL B 246 -11.33 -35.99 20.35
C VAL B 246 -11.96 -34.76 19.72
N LEU B 247 -11.14 -33.95 19.04
CA LEU B 247 -11.69 -32.81 18.32
C LEU B 247 -12.57 -33.28 17.18
N CYS B 248 -12.15 -34.34 16.48
CA CYS B 248 -12.91 -34.86 15.34
C CYS B 248 -14.23 -35.47 15.80
N ALA B 249 -14.21 -36.21 16.92
CA ALA B 249 -15.47 -36.74 17.45
C ALA B 249 -16.40 -35.61 17.86
N LEU B 250 -15.86 -34.57 18.50
CA LEU B 250 -16.68 -33.42 18.85
C LEU B 250 -17.22 -32.73 17.60
N ALA B 251 -16.45 -32.70 16.52
CA ALA B 251 -16.90 -32.02 15.29
C ALA B 251 -18.11 -32.72 14.66
N LYS B 252 -18.13 -34.07 14.65
CA LYS B 252 -19.27 -34.78 14.12
C LYS B 252 -20.54 -34.45 14.88
N LYS B 253 -20.48 -34.56 16.20
CA LYS B 253 -21.63 -34.29 17.08
C LYS B 253 -22.33 -32.97 16.78
N HIS B 254 -21.57 -31.88 16.61
CA HIS B 254 -22.12 -30.55 16.36
C HIS B 254 -22.24 -30.23 14.88
N LYS B 255 -21.90 -31.18 14.01
CA LYS B 255 -21.69 -30.92 12.59
C LYS B 255 -21.05 -29.56 12.35
N ARG B 256 -19.88 -29.43 12.95
CA ARG B 256 -18.95 -28.37 12.63
C ARG B 256 -17.68 -29.04 12.12
N THR B 257 -16.57 -28.34 12.20
CA THR B 257 -15.29 -28.85 11.78
C THR B 257 -14.34 -28.86 12.97
N PRO B 258 -13.25 -29.63 12.88
CA PRO B 258 -12.24 -29.59 13.97
C PRO B 258 -11.72 -28.18 14.32
N ALA B 259 -11.30 -27.40 13.33
CA ALA B 259 -10.85 -26.04 13.61
C ALA B 259 -11.86 -25.27 14.45
N LEU B 260 -13.14 -25.38 14.11
CA LEU B 260 -14.15 -24.61 14.82
C LEU B 260 -14.32 -25.06 16.26
N ILE B 261 -14.17 -26.36 16.53
CA ILE B 261 -14.19 -26.80 17.92
C ILE B 261 -13.04 -26.18 18.68
N ALA B 262 -11.85 -26.19 18.09
CA ALA B 262 -10.69 -25.66 18.80
C ALA B 262 -10.86 -24.17 19.04
N LEU B 263 -11.44 -23.46 18.08
CA LEU B 263 -11.71 -22.04 18.30
C LEU B 263 -12.74 -21.85 19.39
N ARG B 264 -13.85 -22.59 19.31
CA ARG B 264 -14.94 -22.41 20.26
C ARG B 264 -14.48 -22.73 21.69
N TYR B 265 -13.55 -23.69 21.82
CA TYR B 265 -12.98 -24.00 23.11
C TYR B 265 -12.43 -22.74 23.79
N GLN B 266 -11.63 -21.95 23.06
CA GLN B 266 -11.00 -20.78 23.67
C GLN B 266 -12.04 -19.72 24.06
N LEU B 267 -13.01 -19.45 23.20
CA LEU B 267 -14.01 -18.44 23.52
C LEU B 267 -14.73 -18.78 24.83
N GLN B 268 -15.07 -20.07 25.04
CA GLN B 268 -15.89 -20.43 26.19
C GLN B 268 -15.13 -20.43 27.51
N ARG B 269 -13.80 -20.51 27.48
CA ARG B 269 -12.98 -20.34 28.67
C ARG B 269 -12.47 -18.90 28.82
N GLY B 270 -13.08 -17.96 28.10
CA GLY B 270 -12.74 -16.56 28.25
C GLY B 270 -11.46 -16.11 27.60
N VAL B 271 -11.02 -16.80 26.53
CA VAL B 271 -9.80 -16.44 25.81
C VAL B 271 -10.16 -15.75 24.50
N VAL B 272 -9.45 -14.70 24.17
CA VAL B 272 -9.55 -14.11 22.85
C VAL B 272 -8.70 -14.95 21.91
N VAL B 273 -9.22 -15.26 20.71
CA VAL B 273 -8.58 -16.27 19.89
C VAL B 273 -8.22 -15.72 18.50
N LEU B 274 -7.01 -16.05 18.05
CA LEU B 274 -6.52 -15.76 16.71
C LEU B 274 -6.71 -16.99 15.83
N ALA B 275 -6.84 -16.75 14.52
CA ALA B 275 -6.88 -17.81 13.52
C ALA B 275 -6.35 -17.26 12.21
N LYS B 276 -5.25 -17.81 11.73
CA LYS B 276 -4.77 -17.45 10.41
C LYS B 276 -5.35 -18.40 9.38
N SER B 277 -5.76 -17.85 8.24
CA SER B 277 -5.98 -18.67 7.06
C SER B 277 -5.84 -17.77 5.85
N TYR B 278 -5.09 -18.24 4.86
CA TYR B 278 -4.98 -17.56 3.57
C TYR B 278 -5.87 -18.22 2.53
N ASN B 279 -6.90 -18.92 2.97
CA ASN B 279 -7.80 -19.64 2.08
C ASN B 279 -9.21 -19.08 2.26
N GLU B 280 -9.80 -18.58 1.16
CA GLU B 280 -11.12 -17.93 1.20
C GLU B 280 -12.15 -18.75 1.98
N GLN B 281 -12.27 -20.04 1.69
CA GLN B 281 -13.32 -20.84 2.31
C GLN B 281 -13.08 -21.04 3.81
N ARG B 282 -11.84 -21.41 4.19
CA ARG B 282 -11.57 -21.61 5.60
C ARG B 282 -11.66 -20.29 6.36
N ILE B 283 -11.34 -19.16 5.71
CA ILE B 283 -11.57 -17.84 6.31
C ILE B 283 -13.05 -17.64 6.63
N ARG B 284 -13.95 -17.92 5.67
CA ARG B 284 -15.38 -17.70 5.89
C ARG B 284 -15.98 -18.72 6.84
N GLN B 285 -15.43 -19.95 6.87
CA GLN B 285 -15.88 -20.95 7.82
C GLN B 285 -15.60 -20.54 9.26
N ASN B 286 -14.48 -19.87 9.51
CA ASN B 286 -14.06 -19.66 10.88
C ASN B 286 -14.99 -18.70 11.62
N VAL B 287 -15.67 -17.80 10.91
CA VAL B 287 -16.59 -16.91 11.62
C VAL B 287 -17.77 -17.66 12.18
N GLN B 288 -18.06 -18.86 11.67
CA GLN B 288 -19.18 -19.63 12.20
C GLN B 288 -18.98 -20.06 13.63
N VAL B 289 -17.84 -19.72 14.26
CA VAL B 289 -17.60 -20.07 15.64
C VAL B 289 -18.65 -19.48 16.57
N PHE B 290 -19.40 -18.46 16.13
CA PHE B 290 -20.42 -17.84 16.98
C PHE B 290 -21.78 -18.53 16.88
N GLU B 291 -21.87 -19.65 16.17
CA GLU B 291 -23.18 -20.22 15.90
C GLU B 291 -23.53 -21.42 16.77
N PHE B 292 -22.61 -21.92 17.58
CA PHE B 292 -22.88 -23.09 18.41
C PHE B 292 -22.15 -22.96 19.74
N GLN B 293 -22.39 -23.94 20.63
CA GLN B 293 -21.83 -23.95 21.97
C GLN B 293 -21.36 -25.35 22.30
N LEU B 294 -20.27 -25.46 23.07
CA LEU B 294 -19.83 -26.75 23.55
C LEU B 294 -20.37 -26.96 24.96
N THR B 295 -20.82 -28.19 25.24
CA THR B 295 -21.37 -28.52 26.55
C THR B 295 -20.26 -28.52 27.60
N ALA B 296 -20.68 -28.42 28.86
CA ALA B 296 -19.71 -28.47 29.94
C ALA B 296 -18.85 -29.72 29.85
N GLU B 297 -19.40 -30.83 29.39
CA GLU B 297 -18.57 -32.03 29.29
C GLU B 297 -17.69 -32.04 28.04
N ASP B 298 -18.14 -31.42 26.95
CA ASP B 298 -17.21 -31.17 25.83
C ASP B 298 -15.98 -30.44 26.32
N MET B 299 -16.18 -29.40 27.13
CA MET B 299 -15.06 -28.61 27.60
C MET B 299 -14.12 -29.45 28.45
N LYS B 300 -14.69 -30.31 29.30
CA LYS B 300 -13.85 -31.20 30.09
C LYS B 300 -13.09 -32.17 29.19
N ALA B 301 -13.76 -32.67 28.16
CA ALA B 301 -13.08 -33.55 27.20
C ALA B 301 -11.90 -32.85 26.55
N ILE B 302 -12.10 -31.60 26.09
CA ILE B 302 -10.99 -30.86 25.49
C ILE B 302 -9.95 -30.48 26.54
N ASP B 303 -10.39 -30.08 27.74
CA ASP B 303 -9.46 -29.66 28.79
C ASP B 303 -8.41 -30.73 29.05
N GLY B 304 -8.73 -31.98 28.78
CA GLY B 304 -7.87 -33.12 29.06
C GLY B 304 -6.86 -33.42 27.99
N LEU B 305 -6.75 -32.61 26.95
CA LEU B 305 -5.75 -32.89 25.93
C LEU B 305 -4.39 -32.31 26.25
N ASP B 306 -4.30 -31.42 27.26
CA ASP B 306 -3.08 -30.70 27.60
C ASP B 306 -1.88 -31.65 27.73
N ARG B 307 -0.82 -31.38 26.96
CA ARG B 307 0.39 -32.19 27.01
C ARG B 307 1.66 -31.37 27.17
N ASN B 308 1.56 -30.07 27.51
CA ASN B 308 2.74 -29.21 27.64
C ASN B 308 3.60 -29.22 26.36
N LEU B 309 2.95 -29.11 25.20
CA LEU B 309 3.62 -29.19 23.91
C LEU B 309 3.71 -27.79 23.30
N HIS B 310 4.94 -27.29 23.11
CA HIS B 310 5.15 -26.04 22.41
C HIS B 310 5.46 -26.34 20.94
N TYR B 311 4.68 -25.76 20.03
CA TYR B 311 4.88 -26.08 18.62
C TYR B 311 6.15 -25.44 18.06
N PHE B 312 6.55 -24.27 18.55
CA PHE B 312 7.72 -23.56 18.03
C PHE B 312 8.98 -24.00 18.77
N ASN B 313 9.95 -24.59 18.02
CA ASN B 313 11.18 -25.08 18.62
C ASN B 313 12.10 -23.90 18.88
N SER B 314 12.25 -23.54 20.15
CA SER B 314 13.12 -22.45 20.56
C SER B 314 14.49 -22.94 21.01
N ASP B 315 14.89 -24.13 20.58
CA ASP B 315 16.09 -24.77 21.11
C ASP B 315 17.35 -23.95 20.88
N SER B 316 17.34 -23.00 19.95
CA SER B 316 18.45 -22.06 19.81
C SER B 316 18.22 -20.74 20.53
N PHE B 317 17.09 -20.59 21.23
CA PHE B 317 16.77 -19.43 22.04
C PHE B 317 16.78 -19.75 23.53
N ALA B 318 16.81 -21.04 23.87
CA ALA B 318 16.59 -21.47 25.26
C ALA B 318 17.58 -20.87 26.25
N SER B 319 18.79 -20.51 25.80
CA SER B 319 19.77 -19.91 26.69
C SER B 319 19.56 -18.40 26.91
N HIS B 320 18.54 -17.78 26.28
CA HIS B 320 18.30 -16.36 26.48
C HIS B 320 17.77 -16.14 27.90
N PRO B 321 18.28 -15.12 28.62
CA PRO B 321 17.82 -14.85 29.99
C PRO B 321 16.33 -14.59 30.09
N ASN B 322 15.69 -14.13 29.01
CA ASN B 322 14.27 -13.85 29.02
C ASN B 322 13.47 -14.94 28.35
N TYR B 323 14.10 -16.08 28.06
CA TYR B 323 13.38 -17.22 27.55
C TYR B 323 12.23 -17.55 28.48
N PRO B 324 10.98 -17.49 28.02
CA PRO B 324 9.85 -17.55 28.94
C PRO B 324 9.42 -18.96 29.32
N TYR B 325 9.89 -20.00 28.63
CA TYR B 325 9.46 -21.37 28.91
C TYR B 325 10.35 -22.12 29.90
N SER B 326 11.23 -21.45 30.63
CA SER B 326 12.01 -22.17 31.65
C SER B 326 11.12 -22.60 32.82
N ASP B 327 10.22 -21.72 33.27
CA ASP B 327 9.44 -21.96 34.48
C ASP B 327 8.28 -22.92 34.19
N GLU B 328 7.49 -23.20 35.24
CA GLU B 328 6.26 -23.96 35.06
C GLU B 328 5.24 -23.14 34.26
N TYR B 329 5.00 -21.90 34.68
CA TYR B 329 4.30 -20.92 33.87
C TYR B 329 4.78 -19.50 34.26
PA NAP C . -2.30 3.45 -21.29
O1A NAP C . -3.09 4.70 -21.55
O2A NAP C . -2.36 3.09 -19.82
O5B NAP C . -2.90 2.24 -22.27
C5B NAP C . -2.37 0.94 -22.11
C4B NAP C . -2.92 0.06 -23.25
O4B NAP C . -4.22 0.07 -23.20
C3B NAP C . -2.59 0.71 -24.60
O3B NAP C . -1.44 0.17 -25.08
C2B NAP C . -3.78 0.35 -25.49
O2B NAP C . -3.41 -0.70 -26.47
C1B NAP C . -4.73 -0.14 -24.70
N9A NAP C . -5.97 0.54 -24.91
C8A NAP C . -6.29 1.80 -25.20
N7A NAP C . -7.62 1.90 -25.27
C5A NAP C . -8.13 0.69 -25.06
C6A NAP C . -9.43 0.24 -25.05
N6A NAP C . -10.61 1.07 -25.29
N1A NAP C . -9.69 -1.03 -24.80
C2A NAP C . -8.68 -1.89 -24.54
N3A NAP C . -7.39 -1.46 -24.56
C4A NAP C . -7.11 -0.16 -24.82
O3 NAP C . -0.72 3.45 -21.79
PN NAP C . 0.36 4.59 -21.32
O1N NAP C . 1.31 4.77 -22.47
O2N NAP C . 1.01 4.25 -20.00
O5D NAP C . -0.64 5.88 -21.18
C5D NAP C . -0.12 7.03 -20.66
C4D NAP C . 0.10 8.10 -21.73
O4D NAP C . 0.35 9.14 -20.98
C3D NAP C . 1.38 7.79 -22.55
O3D NAP C . 1.19 7.46 -23.87
C2D NAP C . 2.20 9.09 -22.39
O2D NAP C . 1.66 10.05 -23.39
C1D NAP C . 1.90 9.50 -21.16
N1N NAP C . 2.80 8.99 -20.14
C2N NAP C . 3.52 9.89 -19.44
C3N NAP C . 4.42 9.46 -18.46
C7N NAP C . 5.23 10.46 -17.67
O7N NAP C . 6.17 10.08 -17.04
N7N NAP C . 4.83 11.86 -17.71
C4N NAP C . 4.57 8.14 -18.20
C5N NAP C . 3.84 7.23 -18.89
C6N NAP C . 2.95 7.66 -19.85
P2B NAP C . -3.54 -0.34 -28.07
O1X NAP C . -2.63 0.80 -28.46
O2X NAP C . -3.17 -1.58 -28.84
O3X NAP C . -4.96 0.03 -28.37
CAP JTN D . 7.38 5.69 -21.39
CAT JTN D . 8.38 6.78 -21.79
CAQ JTN D . 7.51 6.97 -20.54
CAR JTN D . 6.40 8.00 -20.85
OAS JTN D . 5.39 7.71 -21.56
OAU JTN D . 6.55 9.15 -20.36
CAN JTN D . 7.90 7.08 -19.05
CAO JTN D . 8.80 8.04 -18.62
CAK JTN D . 9.14 8.11 -17.28
FAL JTN D . 10.03 9.10 -16.88
CAM JTN D . 7.36 6.18 -18.15
CAI JTN D . 7.71 6.24 -16.80
CAJ JTN D . 8.58 7.21 -16.36
CAG JTN D . 8.93 7.22 -14.86
CAH JTN D . 9.19 8.38 -14.16
CAD JTN D . 9.52 8.31 -12.82
CL1 JTN D . 9.86 9.78 -11.87
CAC JTN D . 9.59 7.10 -12.18
CAB JTN D . 9.35 5.93 -12.87
CL2 JTN D . 9.47 4.39 -12.00
CAF JTN D . 9.01 5.99 -14.22
PA NAP E . -3.02 -20.91 13.24
O1A NAP E . -4.03 -19.82 13.58
O2A NAP E . -2.84 -21.79 14.45
O5B NAP E . -3.55 -21.81 11.94
C5B NAP E . -2.82 -22.97 11.60
C4B NAP E . -3.29 -23.49 10.21
O4B NAP E . -4.53 -23.85 10.30
C3B NAP E . -3.27 -22.37 9.16
O3B NAP E . -2.14 -22.39 8.40
C2B NAP E . -4.52 -22.65 8.28
O2B NAP E . -4.03 -23.12 6.96
C1B NAP E . -5.18 -23.63 8.85
N9A NAP E . -6.56 -23.24 9.03
C8A NAP E . -7.18 -22.10 9.29
N7A NAP E . -8.50 -22.32 9.36
C5A NAP E . -8.67 -23.62 9.12
C6A NAP E . -9.82 -24.36 9.06
N6A NAP E . -11.15 -23.84 9.25
N1A NAP E . -9.75 -25.65 8.79
C2A NAP E . -8.54 -26.25 8.59
N3A NAP E . -7.40 -25.52 8.66
C4A NAP E . -7.47 -24.20 8.91
O3 NAP E . -1.58 -20.41 12.65
PN NAP E . -0.56 -19.38 13.38
O1N NAP E . 0.07 -18.54 12.31
O2N NAP E . 0.43 -20.12 14.21
O5D NAP E . -1.67 -18.52 14.19
C5D NAP E . -1.32 -17.54 15.08
C4D NAP E . -1.60 -16.18 14.40
O4D NAP E . -1.53 -15.36 15.41
C3D NAP E . -0.44 -15.80 13.43
O3D NAP E . -0.81 -15.54 12.15
C2D NAP E . 0.13 -14.53 14.10
O2D NAP E . -0.69 -13.40 13.61
C1D NAP E . -0.09 -14.65 15.38
N1N NAP E . 1.08 -15.27 16.03
C2N NAP E . 1.68 -14.52 16.96
C3N NAP E . 2.82 -14.98 17.60
C7N NAP E . 3.48 -14.13 18.66
O7N NAP E . 4.59 -14.41 18.96
N7N NAP E . 2.70 -13.02 19.26
C4N NAP E . 3.36 -16.18 17.31
C5N NAP E . 2.77 -16.95 16.37
C6N NAP E . 1.62 -16.48 15.72
P2B NAP E . -4.49 -22.29 5.64
O1X NAP E . -4.00 -20.86 5.67
O2X NAP E . -3.87 -23.03 4.49
O3X NAP E . -5.99 -22.30 5.60
CAP JTN F . 5.75 -16.62 13.31
CAT JTN F . 6.58 -15.34 13.19
CAQ JTN F . 5.85 -15.67 14.49
CAR JTN F . 4.54 -14.85 14.62
OAS JTN F . 3.52 -15.15 13.94
OAU JTN F . 4.43 -13.86 15.39
CAN JTN F . 6.48 -15.99 15.84
CAO JTN F . 7.33 -15.11 16.47
CAK JTN F . 7.91 -15.51 17.68
FAL JTN F . 8.73 -14.65 18.34
CAM JTN F . 6.23 -17.26 16.33
CAI JTN F . 6.78 -17.64 17.53
CAJ JTN F . 7.62 -16.76 18.21
CAG JTN F . 8.19 -17.30 19.52
CAH JTN F . 8.35 -16.47 20.62
CAD JTN F . 8.86 -17.00 21.80
CL1 JTN F . 9.07 -15.92 23.20
CAC JTN F . 9.21 -18.34 21.88
CAB JTN F . 9.04 -19.15 20.78
CL2 JTN F . 9.47 -20.89 20.87
CAF JTN F . 8.53 -18.64 19.60
#